data_6QUT
#
_entry.id   6QUT
#
_cell.length_a   151.730
_cell.length_b   151.730
_cell.length_c   174.400
_cell.angle_alpha   90.00
_cell.angle_beta   90.00
_cell.angle_gamma   120.00
#
_symmetry.space_group_name_H-M   'H 3'
#
loop_
_entity.id
_entity.type
_entity.pdbx_description
1 polymer 'Carbonic anhydrase 9'
2 non-polymer 'ZINC ION'
3 non-polymer 4-chloranyl-~{N}-(3-oxidanylpropyl)-2-phenylsulfanyl-5-sulfamoyl-benzamide
4 water water
#
_entity_poly.entity_id   1
_entity_poly.type   'polypeptide(L)'
_entity_poly.pdbx_seq_one_letter_code
;WRYGGDPPWPRVSPACAGRFQSPVDIRPQLAAFSPALRPLELLGFQLPPLPELRLRNNGHSVQLTLPPGLEMALGPGREY
RALQLHLHWGAAGRPGSEHTVEGHRFPAEIHVVHLSTAFARVDEALGRPGGLAVLAAFLEEGPEENSAYEQLLSRLEEIA
EEGSETQVPGLDISALLPSDFSRYFQYEGSLTTPPCAQGVIWTVFNQTVMLSAKQLHTLSDTLWGPGDSRLQLNFRATQP
LNGRVIEASFP
;
_entity_poly.pdbx_strand_id   A,B,C,D
#
# COMPACT_ATOMS: atom_id res chain seq x y z
N TRP A 1 -24.54 38.19 -9.43
CA TRP A 1 -24.17 37.85 -10.87
C TRP A 1 -24.77 36.49 -11.26
N ARG A 2 -24.90 36.25 -12.58
CA ARG A 2 -25.41 34.95 -13.12
C ARG A 2 -24.93 34.80 -14.56
N TYR A 3 -25.12 33.61 -15.13
CA TYR A 3 -24.75 33.27 -16.53
C TYR A 3 -25.91 33.65 -17.47
N GLY A 4 -25.57 34.09 -18.69
CA GLY A 4 -26.51 34.57 -19.75
C GLY A 4 -27.65 35.44 -19.22
N GLY A 5 -27.39 36.71 -18.87
CA GLY A 5 -28.40 37.63 -18.33
C GLY A 5 -27.79 38.87 -17.68
N ASP A 6 -28.43 39.40 -16.63
CA ASP A 6 -28.00 40.64 -15.93
C ASP A 6 -27.99 40.38 -14.43
N PRO A 7 -27.17 41.11 -13.66
CA PRO A 7 -26.36 42.20 -14.21
C PRO A 7 -25.22 41.68 -15.09
N PRO A 8 -24.66 42.84 -16.32
CA PRO A 8 -23.33 42.99 -16.91
C PRO A 8 -22.25 42.84 -15.83
N TRP A 9 -21.32 41.94 -16.11
CA TRP A 9 -20.29 41.46 -15.15
C TRP A 9 -19.42 42.65 -14.74
N PRO A 10 -18.99 43.54 -15.67
CA PRO A 10 -18.25 44.75 -15.30
C PRO A 10 -18.97 45.71 -14.31
N ARG A 11 -20.29 45.62 -14.16
CA ARG A 11 -21.07 46.36 -13.12
C ARG A 11 -20.86 45.69 -11.75
N VAL A 12 -20.89 44.37 -11.69
CA VAL A 12 -20.64 43.57 -10.45
C VAL A 12 -19.16 43.75 -10.03
N SER A 13 -18.24 43.71 -11.01
CA SER A 13 -16.76 43.63 -10.85
C SER A 13 -16.11 44.26 -12.07
N PRO A 14 -15.69 45.54 -12.01
CA PRO A 14 -14.91 46.16 -13.08
C PRO A 14 -13.70 45.38 -13.60
N ALA A 15 -13.10 44.54 -12.75
CA ALA A 15 -11.97 43.68 -13.14
C ALA A 15 -12.37 42.79 -14.32
N CYS A 16 -13.65 42.41 -14.43
CA CYS A 16 -14.17 41.62 -15.60
C CYS A 16 -13.90 42.35 -16.93
N ALA A 17 -13.67 43.66 -16.91
CA ALA A 17 -13.32 44.46 -18.11
C ALA A 17 -11.80 44.58 -18.25
N GLY A 18 -10.99 43.84 -17.48
CA GLY A 18 -9.53 43.85 -17.68
C GLY A 18 -9.15 43.41 -19.08
N ARG A 19 -7.92 43.67 -19.49
CA ARG A 19 -7.36 43.37 -20.84
C ARG A 19 -6.80 41.94 -20.96
N PHE A 20 -6.63 41.18 -19.86
CA PHE A 20 -5.97 39.84 -19.90
C PHE A 20 -6.83 38.83 -19.18
N GLN A 21 -7.98 38.60 -19.80
CA GLN A 21 -9.07 37.79 -19.23
C GLN A 21 -9.00 36.36 -19.82
N SER A 22 -9.80 35.51 -19.23
CA SER A 22 -10.02 34.08 -19.50
C SER A 22 -11.53 33.85 -19.56
N PRO A 23 -12.04 32.84 -20.29
CA PRO A 23 -11.23 31.90 -21.05
C PRO A 23 -10.87 32.50 -22.41
N VAL A 24 -10.08 31.76 -23.19
CA VAL A 24 -9.58 32.20 -24.51
C VAL A 24 -9.77 31.07 -25.52
N ASP A 25 -9.67 31.43 -26.80
CA ASP A 25 -9.71 30.50 -27.94
C ASP A 25 -8.28 30.06 -28.20
N ILE A 26 -7.99 28.76 -28.16
CA ILE A 26 -6.61 28.25 -28.38
C ILE A 26 -6.46 27.90 -29.87
N ARG A 27 -5.47 28.48 -30.53
CA ARG A 27 -5.07 28.14 -31.92
C ARG A 27 -3.71 27.47 -31.85
N PRO A 28 -3.68 26.12 -31.84
CA PRO A 28 -2.44 25.37 -31.65
C PRO A 28 -1.40 25.76 -32.69
N GLN A 29 -1.88 26.09 -33.90
CA GLN A 29 -1.12 26.72 -35.01
C GLN A 29 -0.24 27.87 -34.52
N LEU A 30 -0.80 28.75 -33.68
CA LEU A 30 -0.17 30.04 -33.28
C LEU A 30 0.48 29.93 -31.88
N ALA A 31 0.39 28.77 -31.21
CA ALA A 31 1.01 28.51 -29.89
C ALA A 31 2.52 28.49 -30.07
N ALA A 32 3.29 29.02 -29.12
CA ALA A 32 4.77 28.92 -29.11
C ALA A 32 5.19 27.68 -28.30
N PHE A 33 5.94 26.78 -28.92
CA PHE A 33 6.55 25.61 -28.26
C PHE A 33 7.60 26.16 -27.30
N SER A 34 7.44 25.92 -26.00
CA SER A 34 8.42 26.33 -24.95
C SER A 34 9.04 25.07 -24.34
N PRO A 35 10.22 24.63 -24.82
CA PRO A 35 10.87 23.43 -24.31
C PRO A 35 11.07 23.43 -22.79
N ALA A 36 11.05 24.61 -22.13
CA ALA A 36 11.29 24.71 -20.68
C ALA A 36 10.10 24.12 -19.90
N LEU A 37 8.96 23.95 -20.55
CA LEU A 37 7.73 23.49 -19.88
C LEU A 37 7.83 21.99 -19.60
N ARG A 38 7.97 21.63 -18.32
CA ARG A 38 8.26 20.25 -17.86
C ARG A 38 6.91 19.57 -17.60
N PRO A 39 6.87 18.23 -17.47
CA PRO A 39 5.63 17.56 -17.09
C PRO A 39 5.09 18.08 -15.73
N LEU A 40 3.76 18.16 -15.65
CA LEU A 40 3.09 18.59 -14.39
C LEU A 40 3.35 17.54 -13.31
N GLU A 41 3.61 17.97 -12.08
CA GLU A 41 3.82 17.07 -10.92
C GLU A 41 2.65 17.24 -9.96
N LEU A 42 1.88 16.18 -9.69
CA LEU A 42 0.70 16.22 -8.78
C LEU A 42 0.87 15.13 -7.72
N LEU A 43 1.16 15.51 -6.48
CA LEU A 43 1.35 14.56 -5.36
C LEU A 43 0.22 14.75 -4.34
N GLY A 44 -0.18 13.65 -3.69
CA GLY A 44 -1.24 13.59 -2.65
C GLY A 44 -2.64 13.66 -3.22
N PHE A 45 -2.85 13.44 -4.52
CA PHE A 45 -4.19 13.55 -5.14
C PHE A 45 -5.02 12.27 -4.99
N GLN A 46 -4.37 11.17 -4.58
CA GLN A 46 -5.06 9.86 -4.48
C GLN A 46 -5.65 9.79 -3.08
N LEU A 47 -6.81 10.41 -2.84
CA LEU A 47 -7.36 10.56 -1.48
C LEU A 47 -7.92 9.22 -1.01
N PRO A 48 -7.83 8.91 0.29
CA PRO A 48 -8.52 7.74 0.83
C PRO A 48 -10.04 7.97 0.97
N PRO A 49 -10.85 6.89 1.17
CA PRO A 49 -12.32 7.03 1.22
C PRO A 49 -12.87 8.01 2.26
N LEU A 50 -12.18 8.13 3.40
CA LEU A 50 -12.47 9.08 4.51
C LEU A 50 -11.18 9.83 4.82
N PRO A 51 -11.24 11.10 5.27
CA PRO A 51 -12.50 11.83 5.43
C PRO A 51 -13.27 12.08 4.12
N GLU A 52 -14.56 12.35 4.24
CA GLU A 52 -15.46 12.71 3.13
C GLU A 52 -15.20 14.15 2.68
N LEU A 53 -15.62 14.48 1.48
CA LEU A 53 -15.42 15.81 0.85
C LEU A 53 -16.79 16.46 0.67
N ARG A 54 -16.86 17.76 0.90
CA ARG A 54 -18.06 18.59 0.63
C ARG A 54 -18.20 18.79 -0.89
N LEU A 55 -19.37 18.41 -1.42
CA LEU A 55 -19.82 18.70 -2.78
C LEU A 55 -21.03 19.64 -2.68
N ARG A 56 -21.00 20.80 -3.35
CA ARG A 56 -22.01 21.87 -3.15
C ARG A 56 -22.51 22.37 -4.51
N ASN A 57 -23.83 22.50 -4.63
CA ASN A 57 -24.46 23.29 -5.72
C ASN A 57 -24.48 24.75 -5.26
N ASN A 58 -23.62 25.59 -5.81
CA ASN A 58 -23.50 27.00 -5.36
C ASN A 58 -24.28 27.91 -6.31
N GLY A 59 -24.99 27.33 -7.29
CA GLY A 59 -25.87 28.03 -8.25
C GLY A 59 -25.13 28.44 -9.51
N HIS A 60 -23.80 28.46 -9.48
CA HIS A 60 -22.97 28.72 -10.68
C HIS A 60 -22.33 27.41 -11.15
N SER A 61 -22.13 26.42 -10.26
CA SER A 61 -21.46 25.15 -10.62
C SER A 61 -21.65 24.15 -9.50
N VAL A 62 -21.12 22.94 -9.69
CA VAL A 62 -20.95 21.94 -8.58
C VAL A 62 -19.48 22.04 -8.20
N GLN A 63 -19.20 22.19 -6.92
CA GLN A 63 -17.85 22.50 -6.48
C GLN A 63 -17.49 21.47 -5.42
N LEU A 64 -16.34 20.82 -5.60
CA LEU A 64 -15.83 19.84 -4.64
C LEU A 64 -14.71 20.52 -3.87
N THR A 65 -14.83 20.56 -2.53
CA THR A 65 -13.79 21.12 -1.66
C THR A 65 -12.69 20.06 -1.50
N LEU A 66 -11.45 20.44 -1.78
CA LEU A 66 -10.28 19.54 -1.64
C LEU A 66 -9.62 19.76 -0.29
N PRO A 67 -9.12 18.70 0.35
CA PRO A 67 -8.47 18.84 1.64
C PRO A 67 -7.04 19.36 1.48
N PRO A 68 -6.40 19.71 2.59
CA PRO A 68 -4.98 20.03 2.58
C PRO A 68 -4.29 18.85 1.90
N GLY A 69 -2.77 19.12 1.35
CA GLY A 69 -1.93 17.95 1.03
C GLY A 69 -1.90 17.62 -0.45
N LEU A 70 -2.69 18.29 -1.29
CA LEU A 70 -2.61 18.13 -2.77
C LEU A 70 -1.65 19.18 -3.32
N GLU A 71 -0.41 18.75 -3.56
CA GLU A 71 0.73 19.58 -3.98
C GLU A 71 0.91 19.41 -5.49
N MET A 72 1.13 20.51 -6.19
CA MET A 72 1.23 20.59 -7.67
C MET A 72 2.42 21.51 -8.00
N ALA A 73 3.23 21.18 -8.98
CA ALA A 73 4.32 22.05 -9.45
C ALA A 73 4.21 22.29 -10.95
N LEU A 74 4.37 23.54 -11.40
CA LEU A 74 4.37 23.92 -12.84
C LEU A 74 5.81 23.99 -13.33
N GLY A 75 6.75 23.92 -12.40
CA GLY A 75 8.18 24.06 -12.68
C GLY A 75 8.93 24.19 -11.37
N PRO A 76 10.39 24.13 -11.53
CA PRO A 76 11.22 24.15 -10.35
C PRO A 76 10.89 25.34 -9.43
N GLY A 77 10.58 25.05 -8.17
CA GLY A 77 10.28 26.08 -7.16
C GLY A 77 8.95 26.79 -7.40
N ARG A 78 8.13 26.34 -8.36
CA ARG A 78 6.83 26.96 -8.66
C ARG A 78 5.74 25.97 -8.23
N GLU A 79 5.45 25.98 -6.93
CA GLU A 79 4.61 24.97 -6.27
C GLU A 79 3.30 25.59 -5.80
N TYR A 80 2.26 24.73 -5.73
CA TYR A 80 0.83 25.06 -5.59
C TYR A 80 0.16 24.05 -4.66
N ARG A 81 -0.96 24.41 -4.05
CA ARG A 81 -1.80 23.43 -3.31
C ARG A 81 -3.23 23.57 -3.84
N ALA A 82 -3.88 22.44 -4.07
CA ALA A 82 -5.23 22.36 -4.66
C ALA A 82 -6.26 22.82 -3.61
N LEU A 83 -7.20 23.66 -3.98
CA LEU A 83 -8.25 24.24 -3.09
C LEU A 83 -9.57 23.51 -3.34
N GLN A 84 -9.95 23.41 -4.61
CA GLN A 84 -11.28 22.95 -5.04
C GLN A 84 -11.27 22.64 -6.51
N LEU A 85 -12.28 21.92 -6.96
CA LEU A 85 -12.55 21.77 -8.39
C LEU A 85 -14.03 21.99 -8.65
N HIS A 86 -14.33 22.35 -9.88
CA HIS A 86 -15.71 22.64 -10.34
C HIS A 86 -15.75 22.38 -11.84
N LEU A 87 -16.96 22.44 -12.40
CA LEU A 87 -17.16 22.19 -13.85
C LEU A 87 -18.03 23.28 -14.47
N HIS A 88 -17.84 23.45 -15.78
CA HIS A 88 -18.59 24.25 -16.76
C HIS A 88 -19.16 23.28 -17.80
N TRP A 89 -20.43 23.40 -18.13
CA TRP A 89 -21.13 22.47 -19.06
C TRP A 89 -22.25 23.21 -19.78
N GLY A 90 -22.83 22.58 -20.81
CA GLY A 90 -23.78 23.25 -21.73
C GLY A 90 -25.21 22.85 -21.41
N ALA A 91 -25.95 22.38 -22.41
CA ALA A 91 -27.31 21.82 -22.23
C ALA A 91 -27.59 20.79 -23.33
N ALA A 92 -28.69 20.04 -23.19
CA ALA A 92 -29.21 19.13 -24.22
C ALA A 92 -28.81 19.67 -25.60
N GLY A 93 -27.85 19.01 -26.24
CA GLY A 93 -27.43 19.28 -27.63
C GLY A 93 -26.48 20.46 -27.77
N ARG A 94 -25.99 21.05 -26.67
CA ARG A 94 -25.19 22.31 -26.75
C ARG A 94 -23.93 22.18 -25.89
N PRO A 95 -22.74 22.45 -26.48
CA PRO A 95 -21.47 22.29 -25.78
C PRO A 95 -21.28 23.44 -24.80
N GLY A 96 -20.58 23.22 -23.68
CA GLY A 96 -20.43 24.23 -22.61
C GLY A 96 -19.02 24.34 -22.03
N SER A 97 -17.99 23.99 -22.77
CA SER A 97 -16.59 24.24 -22.34
C SER A 97 -16.34 25.75 -22.38
N GLU A 98 -15.45 26.24 -21.52
CA GLU A 98 -15.09 27.68 -21.41
C GLU A 98 -14.03 27.99 -22.42
N HIS A 99 -12.94 27.22 -22.40
CA HIS A 99 -11.90 27.29 -23.45
C HIS A 99 -12.46 26.65 -24.71
N THR A 100 -11.92 27.06 -25.85
CA THR A 100 -12.27 26.52 -27.18
C THR A 100 -10.96 26.29 -27.90
N VAL A 101 -10.96 25.37 -28.89
CA VAL A 101 -9.79 25.09 -29.76
C VAL A 101 -10.21 25.35 -31.22
N GLU A 102 -9.48 26.22 -31.91
CA GLU A 102 -9.76 26.70 -33.29
C GLU A 102 -11.26 26.97 -33.43
N GLY A 103 -11.89 27.54 -32.40
CA GLY A 103 -13.33 27.86 -32.41
C GLY A 103 -14.22 26.74 -31.91
N HIS A 104 -13.73 25.50 -31.76
CA HIS A 104 -14.52 24.34 -31.27
C HIS A 104 -14.74 24.40 -29.75
N ARG A 105 -15.98 24.39 -29.31
CA ARG A 105 -16.37 24.25 -27.89
C ARG A 105 -16.65 22.77 -27.58
N PHE A 106 -16.03 22.22 -26.53
CA PHE A 106 -16.18 20.80 -26.11
C PHE A 106 -17.40 20.72 -25.21
N PRO A 107 -18.00 19.54 -25.03
CA PRO A 107 -19.19 19.40 -24.18
C PRO A 107 -19.07 20.08 -22.82
N ALA A 108 -17.94 19.88 -22.14
CA ALA A 108 -17.72 20.36 -20.76
C ALA A 108 -16.22 20.60 -20.47
N GLU A 109 -15.94 21.07 -19.25
CA GLU A 109 -14.57 21.47 -18.82
C GLU A 109 -14.49 21.32 -17.31
N ILE A 110 -13.37 20.80 -16.85
CA ILE A 110 -13.13 20.67 -15.39
C ILE A 110 -12.02 21.65 -15.01
N HIS A 111 -12.17 22.30 -13.86
CA HIS A 111 -11.20 23.31 -13.36
C HIS A 111 -10.70 22.85 -12.01
N VAL A 112 -9.37 22.69 -11.86
CA VAL A 112 -8.78 22.41 -10.52
C VAL A 112 -7.96 23.64 -10.10
N VAL A 113 -8.45 24.32 -9.07
CA VAL A 113 -8.00 25.67 -8.66
C VAL A 113 -6.97 25.49 -7.56
N HIS A 114 -5.80 26.10 -7.71
CA HIS A 114 -4.68 25.97 -6.76
C HIS A 114 -4.21 27.35 -6.30
N LEU A 115 -3.64 27.38 -5.11
CA LEU A 115 -2.99 28.56 -4.50
C LEU A 115 -1.48 28.37 -4.52
N SER A 116 -0.71 29.31 -5.06
CA SER A 116 0.75 29.33 -4.88
C SER A 116 1.12 29.19 -3.41
N THR A 117 2.07 28.30 -3.08
CA THR A 117 2.53 28.01 -1.70
C THR A 117 3.48 29.14 -1.27
N ALA A 118 3.81 30.28 -2.38
CA ALA A 118 4.46 31.52 -1.92
C ALA A 118 3.48 32.42 -1.14
N PHE A 119 2.19 32.11 -1.13
CA PHE A 119 1.14 32.91 -0.45
C PHE A 119 0.47 32.07 0.62
N ALA A 120 0.43 32.57 1.85
CA ALA A 120 -0.23 31.89 3.00
C ALA A 120 -1.74 31.91 2.78
N ARG A 121 -2.28 32.89 2.04
CA ARG A 121 -3.76 33.05 1.94
C ARG A 121 -4.18 33.34 0.50
N VAL A 122 -5.36 32.89 0.12
CA VAL A 122 -5.97 33.15 -1.21
C VAL A 122 -6.11 34.67 -1.42
N ASP A 123 -6.53 35.41 -0.39
CA ASP A 123 -6.79 36.87 -0.57
C ASP A 123 -5.48 37.60 -0.88
N GLU A 124 -4.33 37.09 -0.44
CA GLU A 124 -3.02 37.69 -0.81
C GLU A 124 -2.72 37.34 -2.27
N ALA A 125 -3.15 36.19 -2.75
CA ALA A 125 -2.78 35.65 -4.08
C ALA A 125 -3.58 36.34 -5.19
N LEU A 126 -4.83 36.72 -4.92
CA LEU A 126 -5.74 37.35 -5.94
C LEU A 126 -5.11 38.63 -6.53
N GLY A 127 -5.02 38.70 -7.86
CA GLY A 127 -4.47 39.82 -8.63
C GLY A 127 -2.97 39.78 -8.73
N ARG A 128 -2.30 38.83 -8.08
CA ARG A 128 -0.83 38.74 -8.10
C ARG A 128 -0.43 37.72 -9.15
N PRO A 129 0.65 37.98 -9.91
CA PRO A 129 1.07 37.08 -10.98
C PRO A 129 1.46 35.69 -10.41
N GLY A 130 0.76 34.65 -10.87
CA GLY A 130 1.03 33.27 -10.49
C GLY A 130 0.45 32.93 -9.15
N GLY A 131 -0.34 33.84 -8.55
CA GLY A 131 -0.90 33.58 -7.22
C GLY A 131 -1.79 32.37 -7.24
N LEU A 132 -2.58 32.24 -8.31
CA LEU A 132 -3.53 31.12 -8.50
C LEU A 132 -3.11 30.41 -9.78
N ALA A 133 -3.31 29.09 -9.82
CA ALA A 133 -3.14 28.30 -11.05
C ALA A 133 -4.34 27.36 -11.19
N VAL A 134 -4.84 27.25 -12.41
CA VAL A 134 -5.96 26.34 -12.70
C VAL A 134 -5.46 25.28 -13.68
N LEU A 135 -5.71 24.01 -13.37
CA LEU A 135 -5.57 22.92 -14.36
C LEU A 135 -6.94 22.67 -14.97
N ALA A 136 -7.02 22.79 -16.29
CA ALA A 136 -8.26 22.67 -17.07
C ALA A 136 -8.12 21.48 -18.02
N ALA A 137 -9.15 20.65 -18.04
CA ALA A 137 -9.29 19.58 -19.06
C ALA A 137 -10.69 19.66 -19.68
N PHE A 138 -10.76 19.46 -20.99
CA PHE A 138 -12.03 19.31 -21.73
C PHE A 138 -12.59 17.92 -21.51
N LEU A 139 -13.89 17.85 -21.21
CA LEU A 139 -14.68 16.59 -21.18
C LEU A 139 -15.32 16.40 -22.55
N GLU A 140 -15.14 15.22 -23.15
CA GLU A 140 -15.76 14.80 -24.44
C GLU A 140 -16.70 13.60 -24.24
N GLU A 141 -17.56 13.34 -25.23
CA GLU A 141 -18.42 12.14 -25.26
C GLU A 141 -17.57 10.93 -25.69
N GLY A 142 -17.54 9.87 -24.90
CA GLY A 142 -16.92 8.58 -25.24
C GLY A 142 -17.98 7.49 -25.28
N PRO A 143 -17.62 6.22 -25.63
CA PRO A 143 -18.58 5.12 -25.55
C PRO A 143 -18.74 4.54 -24.14
N GLU A 144 -17.81 4.81 -23.23
CA GLU A 144 -17.71 4.12 -21.91
C GLU A 144 -18.17 5.05 -20.77
N GLU A 145 -18.86 4.50 -19.76
CA GLU A 145 -19.14 5.22 -18.49
C GLU A 145 -17.75 5.50 -17.88
N ASN A 146 -17.45 6.77 -17.57
CA ASN A 146 -16.21 7.16 -16.86
C ASN A 146 -16.40 6.84 -15.38
N SER A 147 -15.52 6.03 -14.80
CA SER A 147 -15.61 5.57 -13.38
C SER A 147 -15.35 6.75 -12.44
N ALA A 148 -14.31 7.51 -12.75
CA ALA A 148 -13.87 8.66 -11.93
C ALA A 148 -15.05 9.64 -11.78
N TYR A 149 -15.60 10.10 -12.90
CA TYR A 149 -16.67 11.14 -12.91
C TYR A 149 -17.96 10.58 -12.31
N GLU A 150 -18.19 9.26 -12.42
CA GLU A 150 -19.39 8.60 -11.85
C GLU A 150 -19.53 8.91 -10.36
N GLN A 151 -18.44 8.95 -9.61
CA GLN A 151 -18.47 9.24 -8.15
C GLN A 151 -19.10 10.61 -7.86
N LEU A 152 -18.95 11.59 -8.76
CA LEU A 152 -19.50 12.96 -8.55
C LEU A 152 -20.90 13.04 -9.18
N LEU A 153 -21.03 12.56 -10.42
CA LEU A 153 -22.29 12.65 -11.22
C LEU A 153 -23.41 11.87 -10.51
N SER A 154 -23.10 10.73 -9.91
CA SER A 154 -24.10 9.90 -9.19
C SER A 154 -24.67 10.69 -7.98
N ARG A 155 -24.02 11.79 -7.55
CA ARG A 155 -24.43 12.52 -6.33
C ARG A 155 -25.06 13.88 -6.70
N LEU A 156 -25.24 14.20 -7.97
CA LEU A 156 -25.82 15.52 -8.37
C LEU A 156 -27.30 15.58 -7.95
N GLU A 157 -28.00 14.46 -8.06
CA GLU A 157 -29.39 14.25 -7.56
C GLU A 157 -29.54 14.85 -6.16
N GLU A 158 -28.71 14.42 -5.22
CA GLU A 158 -28.76 14.82 -3.78
C GLU A 158 -28.65 16.35 -3.60
N ILE A 159 -28.19 17.10 -4.61
CA ILE A 159 -27.88 18.56 -4.46
C ILE A 159 -28.48 19.34 -5.64
N ALA A 160 -29.62 18.90 -6.19
CA ALA A 160 -30.23 19.53 -7.39
C ALA A 160 -30.58 20.99 -7.11
N GLU A 161 -30.97 21.31 -5.88
CA GLU A 161 -31.47 22.64 -5.47
C GLU A 161 -30.29 23.58 -5.21
N GLU A 162 -30.30 24.76 -5.84
CA GLU A 162 -29.32 25.85 -5.58
C GLU A 162 -29.01 25.89 -4.08
N GLY A 163 -27.71 25.92 -3.74
CA GLY A 163 -27.24 26.09 -2.34
C GLY A 163 -27.22 24.81 -1.52
N SER A 164 -27.74 23.68 -2.02
CA SER A 164 -27.73 22.39 -1.25
C SER A 164 -26.34 21.76 -1.34
N GLU A 165 -25.96 20.96 -0.34
CA GLU A 165 -24.64 20.29 -0.36
C GLU A 165 -24.73 18.91 0.30
N THR A 166 -23.73 18.06 0.06
CA THR A 166 -23.64 16.65 0.51
C THR A 166 -22.17 16.27 0.70
N GLN A 167 -21.89 15.42 1.69
CA GLN A 167 -20.56 14.79 1.90
C GLN A 167 -20.42 13.59 0.94
N VAL A 168 -19.27 13.44 0.28
CA VAL A 168 -18.95 12.31 -0.64
C VAL A 168 -17.69 11.61 -0.15
N PRO A 169 -17.56 10.29 -0.43
CA PRO A 169 -16.36 9.57 -0.04
C PRO A 169 -15.19 10.17 -0.84
N GLY A 170 -14.01 10.20 -0.22
CA GLY A 170 -12.75 10.52 -0.89
C GLY A 170 -12.60 9.74 -2.19
N LEU A 171 -11.99 10.38 -3.18
CA LEU A 171 -11.72 9.76 -4.49
C LEU A 171 -10.32 10.17 -4.90
N ASP A 172 -9.83 9.51 -5.92
CA ASP A 172 -8.56 9.84 -6.60
C ASP A 172 -8.84 11.02 -7.55
N ILE A 173 -8.40 12.20 -7.14
CA ILE A 173 -8.67 13.42 -7.95
C ILE A 173 -7.88 13.34 -9.26
N SER A 174 -6.69 12.75 -9.21
CA SER A 174 -5.79 12.69 -10.40
C SER A 174 -6.46 11.86 -11.53
N ALA A 175 -7.42 10.99 -11.19
CA ALA A 175 -8.11 10.10 -12.16
C ALA A 175 -9.16 10.86 -12.97
N LEU A 176 -9.50 12.09 -12.54
CA LEU A 176 -10.42 13.01 -13.28
C LEU A 176 -9.68 13.68 -14.42
N LEU A 177 -8.37 13.57 -14.45
CA LEU A 177 -7.55 14.32 -15.42
C LEU A 177 -7.07 13.41 -16.56
N PRO A 178 -6.65 14.01 -17.67
CA PRO A 178 -6.16 13.25 -18.83
C PRO A 178 -4.89 12.44 -18.58
N SER A 179 -4.56 11.66 -19.59
CA SER A 179 -3.51 10.62 -19.56
C SER A 179 -2.10 11.22 -19.50
N ASP A 180 -1.80 12.22 -20.32
CA ASP A 180 -0.41 12.72 -20.53
C ASP A 180 -0.20 14.07 -19.83
N PHE A 181 0.53 14.08 -18.71
CA PHE A 181 0.83 15.29 -17.90
C PHE A 181 1.96 16.12 -18.55
N SER A 182 2.57 15.66 -19.66
CA SER A 182 3.66 16.35 -20.38
C SER A 182 3.13 17.23 -21.52
N ARG A 183 1.85 17.14 -21.87
CA ARG A 183 1.25 17.79 -23.06
C ARG A 183 0.17 18.78 -22.63
N TYR A 184 0.48 20.08 -22.72
CA TYR A 184 -0.49 21.12 -22.30
C TYR A 184 -0.17 22.45 -22.98
N PHE A 185 -1.20 23.30 -22.99
CA PHE A 185 -1.14 24.75 -23.28
C PHE A 185 -1.01 25.52 -21.96
N GLN A 186 -0.27 26.64 -21.95
CA GLN A 186 -0.20 27.52 -20.76
C GLN A 186 -0.23 29.00 -21.19
N TYR A 187 -0.97 29.83 -20.46
CA TYR A 187 -0.97 31.30 -20.64
C TYR A 187 -1.41 31.93 -19.30
N GLU A 188 -1.20 33.23 -19.16
CA GLU A 188 -1.66 33.98 -17.96
C GLU A 188 -2.98 34.70 -18.25
N GLY A 189 -3.97 34.59 -17.35
CA GLY A 189 -5.29 35.21 -17.55
C GLY A 189 -5.95 35.50 -16.23
N SER A 190 -7.23 35.21 -16.11
CA SER A 190 -8.13 35.68 -15.03
C SER A 190 -8.98 34.54 -14.50
N LEU A 191 -9.62 34.74 -13.35
CA LEU A 191 -10.85 34.00 -13.02
C LEU A 191 -11.81 34.19 -14.20
N THR A 192 -12.58 33.16 -14.52
CA THR A 192 -13.60 33.20 -15.62
C THR A 192 -14.93 33.58 -14.99
N THR A 193 -14.98 33.71 -13.66
CA THR A 193 -16.16 34.23 -12.92
C THR A 193 -15.76 35.48 -12.16
N PRO A 194 -16.71 36.35 -11.82
CA PRO A 194 -16.45 37.50 -10.96
C PRO A 194 -15.84 37.04 -9.65
N PRO A 195 -14.84 37.73 -9.07
CA PRO A 195 -14.42 39.07 -9.53
C PRO A 195 -13.40 39.18 -10.66
N CYS A 196 -13.14 38.10 -11.42
CA CYS A 196 -12.32 38.15 -12.68
C CYS A 196 -10.90 38.70 -12.45
N ALA A 197 -10.31 38.53 -11.26
CA ALA A 197 -8.91 38.93 -10.91
C ALA A 197 -7.96 38.33 -11.94
N GLN A 198 -6.91 39.06 -12.33
CA GLN A 198 -5.88 38.60 -13.27
C GLN A 198 -4.71 38.00 -12.46
N GLY A 199 -3.66 37.53 -13.12
CA GLY A 199 -2.51 36.86 -12.48
C GLY A 199 -2.65 35.32 -12.45
N VAL A 200 -3.69 34.75 -13.05
CA VAL A 200 -4.00 33.30 -12.97
C VAL A 200 -3.23 32.58 -14.08
N ILE A 201 -2.39 31.62 -13.70
CA ILE A 201 -1.71 30.74 -14.69
C ILE A 201 -2.66 29.61 -15.06
N TRP A 202 -3.03 29.59 -16.33
CA TRP A 202 -3.93 28.59 -16.92
C TRP A 202 -3.09 27.54 -17.62
N THR A 203 -3.31 26.29 -17.25
CA THR A 203 -2.72 25.09 -17.89
C THR A 203 -3.87 24.27 -18.42
N VAL A 204 -3.97 24.18 -19.75
CA VAL A 204 -5.04 23.42 -20.47
C VAL A 204 -4.40 22.17 -21.13
N PHE A 205 -4.76 20.99 -20.64
CA PHE A 205 -4.31 19.67 -21.14
C PHE A 205 -4.66 19.57 -22.63
N ASN A 206 -3.69 19.19 -23.47
CA ASN A 206 -3.90 18.84 -24.91
C ASN A 206 -4.96 17.73 -24.99
N GLN A 207 -4.82 16.69 -24.18
CA GLN A 207 -5.72 15.51 -24.26
C GLN A 207 -6.97 15.75 -23.43
N THR A 208 -8.07 15.13 -23.87
CA THR A 208 -9.41 15.26 -23.27
C THR A 208 -9.67 14.08 -22.34
N VAL A 209 -10.74 14.13 -21.57
CA VAL A 209 -11.27 12.93 -20.87
C VAL A 209 -12.65 12.66 -21.47
N MET A 210 -13.09 11.39 -21.39
CA MET A 210 -14.33 10.89 -22.00
C MET A 210 -15.31 10.47 -20.90
N LEU A 211 -16.54 10.96 -21.04
CA LEU A 211 -17.74 10.61 -20.22
C LEU A 211 -18.78 10.06 -21.19
N SER A 212 -19.66 9.17 -20.74
CA SER A 212 -20.76 8.63 -21.58
C SER A 212 -21.73 9.76 -21.93
N ALA A 213 -22.39 9.66 -23.09
CA ALA A 213 -23.49 10.56 -23.48
C ALA A 213 -24.45 10.72 -22.30
N LYS A 214 -24.74 9.62 -21.60
CA LYS A 214 -25.63 9.62 -20.41
C LYS A 214 -25.04 10.50 -19.31
N GLN A 215 -23.74 10.35 -19.02
CA GLN A 215 -23.00 11.08 -17.95
C GLN A 215 -23.08 12.60 -18.19
N LEU A 216 -22.79 13.03 -19.41
CA LEU A 216 -22.90 14.43 -19.86
C LEU A 216 -24.32 14.92 -19.64
N HIS A 217 -25.31 14.08 -19.96
CA HIS A 217 -26.74 14.41 -19.74
C HIS A 217 -26.97 14.62 -18.25
N THR A 218 -26.52 13.70 -17.40
CA THR A 218 -26.68 13.86 -15.94
C THR A 218 -26.10 15.22 -15.48
N LEU A 219 -24.92 15.60 -15.97
CA LEU A 219 -24.18 16.82 -15.52
C LEU A 219 -25.04 18.06 -15.81
N SER A 220 -25.59 18.11 -17.02
CA SER A 220 -26.20 19.31 -17.65
C SER A 220 -27.70 19.42 -17.31
N ASP A 221 -28.29 18.40 -16.67
CA ASP A 221 -29.77 18.29 -16.55
C ASP A 221 -30.21 17.97 -15.12
N THR A 222 -29.32 17.96 -14.12
CA THR A 222 -29.72 17.57 -12.74
C THR A 222 -29.78 18.79 -11.82
N LEU A 223 -28.97 19.81 -12.09
CA LEU A 223 -28.76 20.92 -11.13
C LEU A 223 -29.67 22.09 -11.49
N TRP A 224 -30.24 22.74 -10.48
CA TRP A 224 -31.00 24.01 -10.62
C TRP A 224 -30.18 25.20 -10.08
N GLY A 225 -30.28 26.36 -10.74
CA GLY A 225 -29.47 27.56 -10.48
C GLY A 225 -30.29 28.71 -9.89
N PRO A 226 -30.03 29.98 -10.30
CA PRO A 226 -30.68 31.15 -9.70
C PRO A 226 -32.12 31.21 -10.22
N GLY A 227 -33.07 31.62 -9.36
CA GLY A 227 -34.50 31.74 -9.68
C GLY A 227 -35.17 30.38 -9.70
N ASP A 228 -35.83 30.03 -10.80
CA ASP A 228 -36.44 28.70 -11.01
C ASP A 228 -35.78 28.04 -12.24
N SER A 229 -34.64 28.57 -12.70
CA SER A 229 -33.97 28.20 -13.98
C SER A 229 -32.98 27.04 -13.75
N ARG A 230 -32.81 26.17 -14.75
CA ARG A 230 -31.84 25.04 -14.71
C ARG A 230 -30.41 25.61 -14.67
N LEU A 231 -29.50 24.92 -13.97
CA LEU A 231 -28.06 25.31 -13.98
C LEU A 231 -27.44 24.72 -15.23
N GLN A 232 -27.34 25.52 -16.28
CA GLN A 232 -26.87 25.09 -17.62
C GLN A 232 -26.10 26.22 -18.26
N LEU A 233 -25.27 25.90 -19.26
CA LEU A 233 -24.53 26.90 -20.08
C LEU A 233 -23.72 27.84 -19.17
N ASN A 234 -23.16 27.32 -18.06
CA ASN A 234 -22.43 28.08 -17.01
C ASN A 234 -20.98 28.28 -17.45
N PHE A 235 -20.77 28.87 -18.63
CA PHE A 235 -19.45 29.23 -19.18
C PHE A 235 -19.48 30.70 -19.58
N ARG A 236 -18.31 31.32 -19.62
CA ARG A 236 -18.07 32.70 -20.08
C ARG A 236 -17.61 32.64 -21.52
N ALA A 237 -17.93 33.67 -22.30
CA ALA A 237 -17.50 33.80 -23.71
C ALA A 237 -15.98 33.88 -23.73
N THR A 238 -15.33 33.47 -24.82
CA THR A 238 -13.87 33.59 -24.93
C THR A 238 -13.51 35.06 -25.05
N GLN A 239 -12.30 35.39 -24.61
CA GLN A 239 -11.82 36.77 -24.40
C GLN A 239 -10.61 36.96 -25.29
N PRO A 240 -10.37 38.18 -25.78
CA PRO A 240 -9.22 38.42 -26.65
C PRO A 240 -7.87 38.23 -25.94
N LEU A 241 -6.91 37.71 -26.68
CA LEU A 241 -5.54 37.44 -26.17
C LEU A 241 -4.82 38.77 -25.92
N ASN A 242 -5.18 39.85 -26.63
CA ASN A 242 -4.58 41.20 -26.47
C ASN A 242 -3.06 41.09 -26.43
N GLY A 243 -2.49 40.31 -27.35
CA GLY A 243 -1.02 40.21 -27.51
C GLY A 243 -0.40 39.04 -26.77
N ARG A 244 -1.12 38.41 -25.85
CA ARG A 244 -0.64 37.20 -25.13
C ARG A 244 -0.41 36.09 -26.17
N VAL A 245 0.73 35.42 -26.12
CA VAL A 245 1.05 34.21 -26.91
C VAL A 245 0.81 32.97 -26.02
N ILE A 246 -0.06 32.07 -26.46
CA ILE A 246 -0.29 30.76 -25.79
C ILE A 246 0.93 29.89 -25.98
N GLU A 247 1.48 29.35 -24.89
CA GLU A 247 2.64 28.42 -24.97
C GLU A 247 2.15 26.96 -24.99
N ALA A 248 2.93 26.08 -25.59
CA ALA A 248 2.70 24.61 -25.68
C ALA A 248 3.95 23.91 -25.15
N SER A 249 3.75 22.90 -24.31
CA SER A 249 4.83 22.06 -23.76
C SER A 249 5.33 21.05 -24.81
N PHE A 250 4.80 21.09 -26.03
CA PHE A 250 5.05 20.07 -27.07
C PHE A 250 5.18 20.71 -28.44
N PRO A 251 6.11 20.19 -29.27
CA PRO A 251 6.34 20.73 -30.61
C PRO A 251 5.15 20.41 -31.53
N TRP B 1 23.69 -0.62 20.42
CA TRP B 1 24.60 -0.90 19.25
C TRP B 1 25.53 0.29 18.97
N ARG B 2 26.64 0.04 18.28
CA ARG B 2 27.59 1.10 17.87
C ARG B 2 28.35 0.67 16.62
N TYR B 3 29.10 1.61 16.04
CA TYR B 3 29.91 1.40 14.82
C TYR B 3 31.24 0.74 15.19
N GLY B 4 31.56 -0.40 14.58
CA GLY B 4 32.89 -1.07 14.63
C GLY B 4 33.33 -1.43 16.05
N GLY B 5 32.37 -1.70 16.95
CA GLY B 5 32.63 -2.21 18.32
C GLY B 5 31.77 -3.43 18.60
N ASP B 6 31.00 -3.39 19.70
CA ASP B 6 30.06 -4.45 20.15
C ASP B 6 28.94 -3.81 20.98
N PRO B 7 27.73 -4.42 21.10
CA PRO B 7 27.50 -5.80 20.67
C PRO B 7 27.47 -5.94 19.14
N PRO B 8 27.80 -7.30 18.27
CA PRO B 8 27.46 -8.07 17.09
C PRO B 8 26.07 -7.63 16.58
N TRP B 9 26.04 -6.88 15.48
CA TRP B 9 24.76 -6.36 14.95
C TRP B 9 23.73 -7.48 14.89
N PRO B 10 24.06 -8.67 14.33
CA PRO B 10 23.09 -9.77 14.27
C PRO B 10 22.49 -10.25 15.61
N ARG B 11 23.16 -10.00 16.74
CA ARG B 11 22.61 -10.24 18.10
C ARG B 11 21.58 -9.13 18.44
N VAL B 12 21.93 -7.87 18.21
CA VAL B 12 21.02 -6.68 18.35
C VAL B 12 19.78 -6.88 17.45
N SER B 13 19.98 -7.07 16.14
CA SER B 13 18.91 -7.53 15.21
C SER B 13 19.48 -8.54 14.21
N PRO B 14 18.89 -9.75 14.17
CA PRO B 14 19.36 -10.81 13.28
C PRO B 14 19.04 -10.47 11.81
N ALA B 15 18.13 -9.52 11.53
CA ALA B 15 17.88 -9.03 10.15
C ALA B 15 19.15 -8.45 9.52
N CYS B 16 20.14 -8.04 10.34
CA CYS B 16 21.45 -7.51 9.87
C CYS B 16 22.24 -8.62 9.15
N ALA B 17 21.85 -9.89 9.27
CA ALA B 17 22.46 -11.06 8.59
C ALA B 17 21.56 -11.50 7.44
N GLY B 18 20.61 -10.68 7.03
CA GLY B 18 19.72 -10.99 5.90
C GLY B 18 20.47 -10.95 4.60
N ARG B 19 19.85 -11.42 3.53
CA ARG B 19 20.52 -11.59 2.20
C ARG B 19 20.53 -10.30 1.36
N PHE B 20 19.67 -9.31 1.67
CA PHE B 20 19.38 -8.13 0.81
C PHE B 20 19.56 -6.85 1.61
N GLN B 21 20.80 -6.60 1.98
CA GLN B 21 21.21 -5.53 2.89
C GLN B 21 21.84 -4.38 2.08
N SER B 22 21.97 -3.25 2.78
CA SER B 22 22.53 -1.96 2.36
C SER B 22 23.62 -1.59 3.36
N PRO B 23 24.69 -0.87 2.97
CA PRO B 23 24.91 -0.37 1.61
C PRO B 23 25.61 -1.37 0.66
N VAL B 24 25.70 -0.98 -0.61
CA VAL B 24 26.28 -1.84 -1.69
C VAL B 24 27.31 -1.01 -2.47
N ASP B 25 28.15 -1.71 -3.25
CA ASP B 25 29.08 -1.08 -4.22
C ASP B 25 28.31 -0.90 -5.53
N ILE B 26 28.20 0.33 -6.00
CA ILE B 26 27.50 0.64 -7.25
C ILE B 26 28.54 0.52 -8.38
N ARG B 27 28.23 -0.27 -9.41
CA ARG B 27 29.04 -0.43 -10.66
C ARG B 27 28.20 0.05 -11.82
N PRO B 28 28.32 1.37 -12.15
CA PRO B 28 27.45 2.01 -13.13
C PRO B 28 27.40 1.23 -14.43
N GLN B 29 28.56 0.69 -14.86
CA GLN B 29 28.60 -0.07 -16.13
C GLN B 29 27.66 -1.27 -16.06
N LEU B 30 27.38 -1.83 -14.87
CA LEU B 30 26.51 -3.02 -14.73
C LEU B 30 25.09 -2.65 -14.31
N ALA B 31 24.78 -1.36 -14.21
CA ALA B 31 23.41 -0.95 -13.86
C ALA B 31 22.52 -1.18 -15.09
N ALA B 32 21.27 -1.60 -14.89
CA ALA B 32 20.26 -1.81 -15.96
C ALA B 32 19.55 -0.47 -16.23
N PHE B 33 19.64 0.07 -17.45
CA PHE B 33 18.93 1.31 -17.82
C PHE B 33 17.45 0.95 -17.90
N SER B 34 16.56 1.59 -17.13
CA SER B 34 15.10 1.51 -17.43
C SER B 34 14.56 2.90 -17.69
N PRO B 35 14.05 3.15 -18.91
CA PRO B 35 13.34 4.40 -19.19
C PRO B 35 12.05 4.58 -18.40
N ALA B 36 11.56 3.56 -17.69
CA ALA B 36 10.42 3.69 -16.76
C ALA B 36 10.80 4.55 -15.54
N LEU B 37 12.09 4.66 -15.20
CA LEU B 37 12.57 5.48 -14.06
C LEU B 37 12.52 6.97 -14.42
N ARG B 38 11.48 7.68 -13.98
CA ARG B 38 11.24 9.10 -14.37
C ARG B 38 11.91 10.00 -13.34
N PRO B 39 12.04 11.32 -13.62
CA PRO B 39 12.68 12.23 -12.66
C PRO B 39 11.98 12.21 -11.29
N LEU B 40 12.77 12.24 -10.23
CA LEU B 40 12.24 12.36 -8.84
C LEU B 40 11.39 13.62 -8.73
N GLU B 41 10.24 13.52 -8.07
CA GLU B 41 9.32 14.65 -7.78
C GLU B 41 9.34 14.90 -6.26
N LEU B 42 9.87 16.04 -5.82
CA LEU B 42 9.97 16.46 -4.39
C LEU B 42 9.25 17.80 -4.22
N LEU B 43 8.04 17.78 -3.63
CA LEU B 43 7.23 19.00 -3.41
C LEU B 43 7.21 19.33 -1.91
N GLY B 44 7.24 20.62 -1.56
CA GLY B 44 7.09 21.08 -0.16
C GLY B 44 8.40 21.05 0.59
N PHE B 45 9.52 20.92 -0.11
CA PHE B 45 10.85 20.81 0.53
C PHE B 45 11.46 22.20 0.84
N GLN B 46 10.94 23.29 0.26
CA GLN B 46 11.46 24.67 0.51
C GLN B 46 10.77 25.20 1.76
N LEU B 47 11.29 24.85 2.93
CA LEU B 47 10.66 25.12 4.25
C LEU B 47 10.83 26.59 4.61
N PRO B 48 9.80 27.22 5.24
CA PRO B 48 9.91 28.58 5.77
C PRO B 48 10.88 28.65 6.95
N PRO B 49 11.36 29.85 7.34
CA PRO B 49 12.27 29.96 8.49
C PRO B 49 11.62 29.49 9.79
N LEU B 50 10.30 29.59 9.91
CA LEU B 50 9.53 29.16 11.09
C LEU B 50 8.42 28.22 10.64
N PRO B 51 8.08 27.15 11.40
CA PRO B 51 8.77 26.77 12.63
C PRO B 51 10.19 26.22 12.48
N GLU B 52 10.93 26.24 13.59
CA GLU B 52 12.30 25.67 13.67
C GLU B 52 12.20 24.14 13.60
N LEU B 53 13.35 23.47 13.50
CA LEU B 53 13.48 22.02 13.29
C LEU B 53 14.46 21.49 14.32
N ARG B 54 14.23 20.28 14.81
CA ARG B 54 15.09 19.60 15.80
C ARG B 54 16.31 19.00 15.10
N LEU B 55 17.52 19.34 15.56
CA LEU B 55 18.80 18.72 15.14
C LEU B 55 19.41 18.03 16.35
N ARG B 56 19.68 16.73 16.26
CA ARG B 56 20.03 15.90 17.45
C ARG B 56 21.27 15.07 17.13
N ASN B 57 22.27 15.11 18.02
CA ASN B 57 23.41 14.16 18.08
C ASN B 57 22.90 12.95 18.86
N ASN B 58 22.70 11.80 18.21
CA ASN B 58 22.05 10.62 18.80
C ASN B 58 23.14 9.58 19.07
N GLY B 59 24.42 9.95 18.92
CA GLY B 59 25.58 9.08 19.13
C GLY B 59 25.94 8.25 17.91
N HIS B 60 25.03 8.16 16.93
CA HIS B 60 25.23 7.39 15.67
C HIS B 60 25.42 8.32 14.48
N SER B 61 24.75 9.47 14.52
CA SER B 61 24.76 10.52 13.48
C SER B 61 24.19 11.80 14.08
N VAL B 62 24.18 12.84 13.25
CA VAL B 62 23.35 14.06 13.43
C VAL B 62 22.09 13.89 12.58
N GLN B 63 20.94 13.99 13.23
CA GLN B 63 19.60 13.78 12.64
C GLN B 63 18.82 15.08 12.71
N LEU B 64 18.26 15.50 11.57
CA LEU B 64 17.31 16.62 11.44
C LEU B 64 15.91 16.07 11.22
N THR B 65 15.01 16.33 12.16
CA THR B 65 13.60 15.91 12.08
C THR B 65 12.92 16.81 11.07
N LEU B 66 12.12 16.23 10.17
CA LEU B 66 11.41 16.99 9.11
C LEU B 66 9.93 17.11 9.44
N PRO B 67 9.31 18.24 9.07
CA PRO B 67 7.92 18.48 9.40
C PRO B 67 7.07 17.70 8.42
N PRO B 68 5.75 17.63 8.68
CA PRO B 68 4.79 17.17 7.70
C PRO B 68 4.87 18.05 6.45
N GLY B 69 4.26 17.31 5.18
CA GLY B 69 4.04 17.98 3.89
C GLY B 69 5.25 17.97 2.96
N LEU B 70 6.33 17.23 3.26
CA LEU B 70 7.43 17.01 2.28
C LEU B 70 7.07 15.74 1.49
N GLU B 71 6.51 15.94 0.30
CA GLU B 71 5.98 14.84 -0.55
C GLU B 71 7.04 14.51 -1.63
N MET B 72 7.19 13.22 -1.87
CA MET B 72 8.19 12.68 -2.83
C MET B 72 7.54 11.51 -3.59
N ALA B 73 7.76 11.42 -4.88
CA ALA B 73 7.29 10.30 -5.72
C ALA B 73 8.47 9.69 -6.45
N LEU B 74 8.52 8.36 -6.44
CA LEU B 74 9.49 7.55 -7.22
C LEU B 74 8.88 7.16 -8.56
N GLY B 75 7.57 7.28 -8.66
CA GLY B 75 6.87 6.92 -9.90
C GLY B 75 5.38 7.09 -9.68
N PRO B 76 4.49 6.83 -10.91
CA PRO B 76 3.07 7.04 -10.79
C PRO B 76 2.51 6.23 -9.61
N GLY B 77 1.82 6.88 -8.68
CA GLY B 77 1.16 6.20 -7.54
C GLY B 77 2.13 5.66 -6.51
N ARG B 78 3.42 5.99 -6.57
CA ARG B 78 4.41 5.54 -5.59
C ARG B 78 4.92 6.78 -4.84
N GLU B 79 4.16 7.19 -3.83
CA GLU B 79 4.38 8.47 -3.08
C GLU B 79 4.82 8.19 -1.64
N TYR B 80 5.60 9.15 -1.12
CA TYR B 80 6.32 9.09 0.15
C TYR B 80 6.18 10.43 0.90
N ARG B 81 6.41 10.42 2.21
CA ARG B 81 6.54 11.67 3.01
C ARG B 81 7.88 11.60 3.72
N ALA B 82 8.62 12.67 3.71
CA ALA B 82 9.96 12.73 4.32
C ALA B 82 9.76 12.80 5.85
N LEU B 83 10.60 12.08 6.60
CA LEU B 83 10.54 11.95 8.07
C LEU B 83 11.72 12.68 8.68
N GLN B 84 12.93 12.49 8.13
CA GLN B 84 14.18 12.92 8.77
C GLN B 84 15.31 12.86 7.74
N LEU B 85 16.43 13.52 8.01
CA LEU B 85 17.70 13.27 7.29
C LEU B 85 18.83 13.23 8.31
N HIS B 86 19.94 12.61 7.91
CA HIS B 86 21.14 12.35 8.75
C HIS B 86 22.32 12.17 7.81
N LEU B 87 23.52 12.01 8.34
CA LEU B 87 24.74 11.89 7.51
C LEU B 87 25.66 10.77 8.01
N HIS B 88 26.49 10.29 7.11
CA HIS B 88 27.54 9.30 7.39
C HIS B 88 28.85 9.95 6.91
N TRP B 89 29.93 9.82 7.69
CA TRP B 89 31.22 10.50 7.39
C TRP B 89 32.41 9.71 7.97
N GLY B 90 33.61 10.18 7.65
CA GLY B 90 34.83 9.37 7.83
C GLY B 90 35.63 9.88 9.02
N ALA B 91 36.92 10.13 8.78
CA ALA B 91 37.84 10.78 9.74
C ALA B 91 39.00 11.42 8.96
N ALA B 92 39.99 11.95 9.67
CA ALA B 92 41.18 12.64 9.09
C ALA B 92 41.82 11.69 8.08
N GLY B 93 41.88 12.08 6.80
CA GLY B 93 42.52 11.29 5.72
C GLY B 93 41.71 10.05 5.32
N ARG B 94 40.44 9.96 5.72
CA ARG B 94 39.63 8.71 5.62
C ARG B 94 38.19 9.06 5.22
N PRO B 95 37.70 8.57 4.06
CA PRO B 95 36.32 8.85 3.63
C PRO B 95 35.33 7.97 4.42
N GLY B 96 34.06 8.38 4.47
CA GLY B 96 33.01 7.67 5.23
C GLY B 96 31.63 7.61 4.57
N SER B 97 31.55 7.60 3.24
CA SER B 97 30.28 7.30 2.52
C SER B 97 29.91 5.82 2.80
N GLU B 98 28.63 5.50 2.82
CA GLU B 98 28.15 4.10 2.97
C GLU B 98 28.21 3.38 1.63
N HIS B 99 27.51 3.90 0.64
CA HIS B 99 27.58 3.39 -0.76
C HIS B 99 29.00 3.68 -1.26
N THR B 100 29.49 2.84 -2.15
CA THR B 100 30.76 3.08 -2.86
C THR B 100 30.44 3.08 -4.35
N VAL B 101 31.30 3.65 -5.19
CA VAL B 101 31.17 3.54 -6.67
C VAL B 101 32.47 2.95 -7.23
N GLU B 102 32.40 1.76 -7.80
CA GLU B 102 33.54 1.01 -8.39
C GLU B 102 34.61 0.93 -7.31
N GLY B 103 34.19 0.77 -6.05
CA GLY B 103 35.03 0.48 -4.88
C GLY B 103 35.49 1.75 -4.22
N HIS B 104 35.21 2.90 -4.82
CA HIS B 104 35.59 4.23 -4.30
C HIS B 104 34.62 4.66 -3.20
N ARG B 105 35.15 5.00 -2.03
CA ARG B 105 34.39 5.59 -0.92
C ARG B 105 34.52 7.11 -1.01
N PHE B 106 33.40 7.82 -1.01
CA PHE B 106 33.32 9.30 -1.01
C PHE B 106 33.45 9.78 0.43
N PRO B 107 33.85 11.06 0.62
CA PRO B 107 34.03 11.63 1.96
C PRO B 107 32.84 11.41 2.92
N ALA B 108 31.61 11.65 2.44
CA ALA B 108 30.40 11.57 3.29
C ALA B 108 29.17 11.26 2.43
N GLU B 109 28.03 11.14 3.09
CA GLU B 109 26.77 10.74 2.43
C GLU B 109 25.62 11.30 3.23
N ILE B 110 24.64 11.84 2.53
CA ILE B 110 23.37 12.31 3.14
C ILE B 110 22.26 11.31 2.77
N HIS B 111 21.42 11.00 3.75
CA HIS B 111 20.22 10.14 3.61
C HIS B 111 18.99 10.93 4.04
N VAL B 112 18.02 11.00 3.15
CA VAL B 112 16.69 11.55 3.47
C VAL B 112 15.72 10.38 3.52
N VAL B 113 15.21 10.09 4.70
CA VAL B 113 14.39 8.89 4.98
C VAL B 113 12.93 9.25 4.79
N HIS B 114 12.18 8.42 4.08
CA HIS B 114 10.75 8.65 3.76
C HIS B 114 9.88 7.43 4.06
N LEU B 115 8.61 7.69 4.36
CA LEU B 115 7.55 6.69 4.61
C LEU B 115 6.57 6.70 3.44
N SER B 116 6.29 5.53 2.89
CA SER B 116 5.21 5.33 1.92
C SER B 116 3.90 5.86 2.49
N THR B 117 3.16 6.61 1.68
CA THR B 117 1.84 7.18 2.07
C THR B 117 0.83 6.04 2.09
N ALA B 118 1.34 4.61 1.57
CA ALA B 118 0.33 3.54 1.73
C ALA B 118 0.38 2.94 3.12
N PHE B 119 1.26 3.42 4.00
CA PHE B 119 1.38 2.96 5.41
C PHE B 119 1.18 4.14 6.38
N ALA B 120 0.28 3.98 7.36
CA ALA B 120 -0.07 5.01 8.36
C ALA B 120 1.08 5.16 9.34
N ARG B 121 1.80 4.08 9.60
CA ARG B 121 2.81 4.02 10.69
C ARG B 121 4.12 3.45 10.14
N VAL B 122 5.21 3.90 10.73
CA VAL B 122 6.56 3.41 10.36
C VAL B 122 6.67 1.95 10.78
N ASP B 123 6.07 1.57 11.92
CA ASP B 123 6.21 0.17 12.36
C ASP B 123 5.44 -0.79 11.44
N GLU B 124 4.46 -0.36 10.68
CA GLU B 124 3.81 -1.20 9.63
C GLU B 124 4.69 -1.29 8.38
N ALA B 125 5.42 -0.21 8.08
CA ALA B 125 6.27 -0.06 6.87
C ALA B 125 7.56 -0.86 6.99
N LEU B 126 8.11 -1.01 8.19
CA LEU B 126 9.40 -1.67 8.41
C LEU B 126 9.31 -3.11 7.93
N GLY B 127 10.19 -3.49 7.01
CA GLY B 127 10.28 -4.88 6.55
C GLY B 127 9.28 -5.16 5.45
N ARG B 128 8.50 -4.15 5.05
CA ARG B 128 7.54 -4.30 3.93
C ARG B 128 8.17 -3.69 2.69
N PRO B 129 7.99 -4.32 1.51
CA PRO B 129 8.59 -3.84 0.27
C PRO B 129 8.11 -2.41 -0.06
N GLY B 130 9.05 -1.51 -0.25
CA GLY B 130 8.75 -0.11 -0.59
C GLY B 130 8.10 0.64 0.57
N GLY B 131 8.09 0.08 1.79
CA GLY B 131 7.53 0.77 2.97
C GLY B 131 8.26 2.07 3.26
N LEU B 132 9.60 2.03 3.17
CA LEU B 132 10.53 3.15 3.40
C LEU B 132 11.32 3.37 2.13
N ALA B 133 11.63 4.62 1.82
CA ALA B 133 12.50 4.99 0.70
C ALA B 133 13.52 5.99 1.22
N VAL B 134 14.77 5.80 0.82
CA VAL B 134 15.82 6.77 1.18
C VAL B 134 16.33 7.40 -0.12
N LEU B 135 16.40 8.73 -0.15
CA LEU B 135 17.23 9.45 -1.15
C LEU B 135 18.63 9.65 -0.58
N ALA B 136 19.66 9.23 -1.33
CA ALA B 136 21.07 9.21 -0.91
C ALA B 136 21.91 10.03 -1.91
N ALA B 137 22.76 10.89 -1.40
CA ALA B 137 23.68 11.69 -2.24
C ALA B 137 25.07 11.66 -1.61
N PHE B 138 26.10 11.57 -2.45
CA PHE B 138 27.51 11.62 -2.01
C PHE B 138 27.91 13.06 -1.76
N LEU B 139 28.64 13.30 -0.68
CA LEU B 139 29.30 14.60 -0.44
C LEU B 139 30.77 14.48 -0.81
N GLU B 140 31.25 15.40 -1.66
CA GLU B 140 32.64 15.45 -2.17
C GLU B 140 33.27 16.81 -1.80
N GLU B 141 34.59 16.87 -1.77
CA GLU B 141 35.36 18.13 -1.52
C GLU B 141 35.34 18.94 -2.81
N GLY B 142 34.75 20.14 -2.74
CA GLY B 142 34.87 21.20 -3.76
C GLY B 142 35.60 22.42 -3.19
N PRO B 143 36.00 23.39 -4.04
CA PRO B 143 36.77 24.56 -3.60
C PRO B 143 35.94 25.58 -2.83
N GLU B 144 34.61 25.56 -2.98
CA GLU B 144 33.73 26.59 -2.39
C GLU B 144 33.04 26.06 -1.13
N GLU B 145 32.69 26.98 -0.24
CA GLU B 145 31.81 26.74 0.93
C GLU B 145 30.42 26.43 0.38
N ASN B 146 29.83 25.31 0.80
CA ASN B 146 28.42 24.98 0.46
C ASN B 146 27.49 25.74 1.40
N SER B 147 26.56 26.52 0.86
CA SER B 147 25.59 27.36 1.61
C SER B 147 24.58 26.52 2.39
N ALA B 148 24.04 25.50 1.72
CA ALA B 148 22.96 24.67 2.28
C ALA B 148 23.53 23.93 3.48
N TYR B 149 24.69 23.30 3.33
CA TYR B 149 25.25 22.41 4.39
C TYR B 149 25.77 23.29 5.54
N GLU B 150 26.16 24.54 5.27
CA GLU B 150 26.61 25.53 6.30
C GLU B 150 25.57 25.67 7.41
N GLN B 151 24.30 25.76 7.05
CA GLN B 151 23.15 25.87 8.00
C GLN B 151 23.14 24.74 9.05
N LEU B 152 23.70 23.57 8.75
CA LEU B 152 23.77 22.44 9.70
C LEU B 152 25.19 22.31 10.27
N LEU B 153 26.22 22.41 9.43
CA LEU B 153 27.61 22.18 9.91
C LEU B 153 27.92 23.21 11.01
N SER B 154 27.28 24.38 10.94
CA SER B 154 27.56 25.54 11.84
C SER B 154 26.73 25.41 13.11
N ARG B 155 26.10 24.26 13.35
CA ARG B 155 25.33 24.04 14.61
C ARG B 155 25.76 22.77 15.31
N LEU B 156 26.73 22.04 14.75
CA LEU B 156 27.34 20.81 15.33
C LEU B 156 28.12 21.11 16.62
N GLU B 157 28.71 22.31 16.77
CA GLU B 157 29.43 22.71 18.02
C GLU B 157 28.44 22.58 19.19
N GLU B 158 27.27 23.16 19.08
CA GLU B 158 26.26 23.17 20.17
C GLU B 158 25.74 21.76 20.53
N ILE B 159 26.07 20.69 19.78
CA ILE B 159 25.56 19.32 20.05
C ILE B 159 26.71 18.31 20.00
N ALA B 160 27.94 18.73 20.32
CA ALA B 160 29.13 17.85 20.25
C ALA B 160 28.88 16.65 21.18
N GLU B 161 28.07 16.87 22.21
CA GLU B 161 27.79 15.92 23.32
C GLU B 161 26.74 14.89 22.86
N GLU B 162 27.09 13.61 22.95
CA GLU B 162 26.20 12.45 22.73
C GLU B 162 24.84 12.74 23.36
N GLY B 163 23.76 12.80 22.57
CA GLY B 163 22.38 12.93 23.08
C GLY B 163 21.96 14.37 23.19
N SER B 164 22.87 15.29 22.88
CA SER B 164 22.56 16.74 22.86
C SER B 164 21.61 17.04 21.70
N GLU B 165 20.80 18.08 21.81
CA GLU B 165 19.96 18.55 20.68
C GLU B 165 19.71 20.06 20.76
N THR B 166 19.63 20.72 19.60
CA THR B 166 19.27 22.15 19.47
C THR B 166 18.14 22.29 18.44
N GLN B 167 17.53 23.47 18.33
CA GLN B 167 16.54 23.85 17.29
C GLN B 167 17.24 24.73 16.24
N VAL B 168 16.90 24.59 14.95
CA VAL B 168 17.53 25.36 13.82
C VAL B 168 16.41 25.93 12.94
N PRO B 169 16.62 27.09 12.28
CA PRO B 169 15.59 27.64 11.41
C PRO B 169 15.28 26.63 10.30
N GLY B 170 14.08 26.67 9.77
CA GLY B 170 13.70 26.00 8.51
C GLY B 170 14.72 26.31 7.44
N LEU B 171 14.93 25.36 6.51
CA LEU B 171 15.86 25.52 5.38
C LEU B 171 15.28 24.79 4.16
N ASP B 172 15.86 25.06 3.00
CA ASP B 172 15.43 24.43 1.74
C ASP B 172 16.08 23.04 1.75
N ILE B 173 15.31 22.02 2.08
CA ILE B 173 15.90 20.65 2.19
C ILE B 173 16.39 20.25 0.79
N SER B 174 15.65 20.64 -0.25
CA SER B 174 15.97 20.28 -1.65
C SER B 174 17.33 20.87 -2.05
N ALA B 175 17.81 21.96 -1.41
CA ALA B 175 19.13 22.54 -1.75
C ALA B 175 20.28 21.68 -1.24
N LEU B 176 20.01 20.68 -0.37
CA LEU B 176 21.05 19.73 0.10
C LEU B 176 21.36 18.68 -0.98
N LEU B 177 20.59 18.64 -2.06
CA LEU B 177 20.62 17.50 -3.01
C LEU B 177 21.21 17.94 -4.33
N PRO B 178 21.73 16.99 -5.12
CA PRO B 178 22.39 17.32 -6.39
C PRO B 178 21.47 18.00 -7.41
N SER B 179 22.09 18.40 -8.50
CA SER B 179 21.44 19.21 -9.57
C SER B 179 20.34 18.44 -10.34
N ASP B 180 20.62 17.19 -10.76
CA ASP B 180 19.82 16.54 -11.83
C ASP B 180 18.97 15.41 -11.23
N PHE B 181 17.67 15.64 -11.11
CA PHE B 181 16.71 14.71 -10.45
C PHE B 181 16.37 13.59 -11.44
N SER B 182 16.92 13.62 -12.66
CA SER B 182 16.61 12.62 -13.71
C SER B 182 17.67 11.53 -13.74
N ARG B 183 18.77 11.70 -13.00
CA ARG B 183 19.99 10.85 -13.06
C ARG B 183 20.25 10.22 -11.69
N TYR B 184 19.81 8.97 -11.52
CA TYR B 184 20.06 8.27 -10.24
C TYR B 184 20.14 6.76 -10.49
N PHE B 185 20.62 6.07 -9.48
CA PHE B 185 20.61 4.60 -9.38
C PHE B 185 19.54 4.18 -8.40
N GLN B 186 18.96 2.99 -8.55
CA GLN B 186 17.92 2.53 -7.61
C GLN B 186 18.04 1.02 -7.43
N TYR B 187 17.90 0.56 -6.19
CA TYR B 187 17.84 -0.88 -5.84
C TYR B 187 17.04 -0.99 -4.53
N GLU B 188 16.66 -2.21 -4.19
CA GLU B 188 15.96 -2.53 -2.92
C GLU B 188 16.94 -3.17 -1.95
N GLY B 189 17.02 -2.64 -0.73
CA GLY B 189 17.90 -3.12 0.35
C GLY B 189 17.29 -2.90 1.71
N SER B 190 18.11 -2.44 2.64
CA SER B 190 17.78 -2.43 4.08
C SER B 190 18.13 -1.08 4.72
N LEU B 191 17.70 -0.90 5.97
CA LEU B 191 18.37 0.05 6.88
C LEU B 191 19.85 -0.34 6.94
N THR B 192 20.73 0.66 6.94
CA THR B 192 22.19 0.42 7.13
C THR B 192 22.55 0.43 8.63
N THR B 193 21.55 0.66 9.50
CA THR B 193 21.69 0.55 10.97
C THR B 193 20.64 -0.42 11.49
N PRO B 194 20.89 -1.01 12.70
CA PRO B 194 19.94 -1.92 13.30
C PRO B 194 18.64 -1.15 13.42
N PRO B 195 17.46 -1.76 13.21
CA PRO B 195 17.33 -3.21 12.99
C PRO B 195 17.57 -3.81 11.58
N CYS B 196 18.11 -3.06 10.62
CA CYS B 196 18.56 -3.59 9.31
C CYS B 196 17.37 -4.20 8.55
N ALA B 197 16.15 -3.68 8.77
CA ALA B 197 14.92 -4.20 8.12
C ALA B 197 15.07 -4.07 6.60
N GLN B 198 14.68 -5.09 5.87
CA GLN B 198 14.69 -5.10 4.38
C GLN B 198 13.43 -4.44 3.82
N GLY B 199 13.35 -4.33 2.51
CA GLY B 199 12.23 -3.66 1.82
C GLY B 199 12.44 -2.16 1.63
N VAL B 200 13.61 -1.61 1.94
CA VAL B 200 13.91 -0.17 1.72
C VAL B 200 14.23 0.10 0.24
N ILE B 201 13.54 1.02 -0.40
CA ILE B 201 13.96 1.47 -1.77
C ILE B 201 15.05 2.53 -1.61
N TRP B 202 16.22 2.23 -2.17
CA TRP B 202 17.40 3.13 -2.18
C TRP B 202 17.46 3.85 -3.51
N THR B 203 17.50 5.18 -3.48
CA THR B 203 17.71 6.00 -4.70
C THR B 203 19.00 6.80 -4.45
N VAL B 204 20.04 6.54 -5.24
CA VAL B 204 21.38 7.17 -5.07
C VAL B 204 21.60 8.06 -6.27
N PHE B 205 21.72 9.36 -6.04
CA PHE B 205 21.94 10.36 -7.11
C PHE B 205 23.24 10.04 -7.83
N ASN B 206 23.26 10.13 -9.17
CA ASN B 206 24.49 9.99 -10.01
C ASN B 206 25.46 11.09 -9.62
N GLN B 207 24.99 12.33 -9.56
CA GLN B 207 25.86 13.51 -9.27
C GLN B 207 26.04 13.68 -7.76
N THR B 208 27.20 14.20 -7.37
CA THR B 208 27.59 14.48 -5.96
C THR B 208 27.26 15.93 -5.65
N VAL B 209 27.30 16.31 -4.37
CA VAL B 209 27.25 17.73 -3.94
C VAL B 209 28.63 18.01 -3.33
N MET B 210 29.08 19.26 -3.43
CA MET B 210 30.46 19.61 -3.06
C MET B 210 30.41 20.39 -1.74
N LEU B 211 31.26 19.99 -0.78
CA LEU B 211 31.51 20.78 0.47
C LEU B 211 32.97 21.24 0.46
N SER B 212 33.27 22.35 1.13
CA SER B 212 34.67 22.82 1.37
C SER B 212 35.36 21.81 2.28
N ALA B 213 36.69 21.69 2.16
CA ALA B 213 37.51 20.77 2.97
C ALA B 213 37.33 21.10 4.45
N LYS B 214 37.11 22.38 4.73
CA LYS B 214 36.82 22.91 6.08
C LYS B 214 35.53 22.24 6.58
N GLN B 215 34.42 22.44 5.85
CA GLN B 215 33.07 21.89 6.11
C GLN B 215 33.16 20.38 6.43
N LEU B 216 33.89 19.63 5.61
CA LEU B 216 34.09 18.17 5.78
C LEU B 216 34.91 17.86 7.04
N HIS B 217 35.96 18.63 7.33
CA HIS B 217 36.75 18.45 8.58
C HIS B 217 35.78 18.62 9.76
N THR B 218 34.95 19.68 9.74
CA THR B 218 33.93 20.00 10.76
C THR B 218 32.98 18.82 11.00
N LEU B 219 32.43 18.25 9.93
CA LEU B 219 31.42 17.17 10.03
C LEU B 219 32.04 15.98 10.78
N SER B 220 33.31 15.66 10.49
CA SER B 220 34.01 14.43 10.97
C SER B 220 34.80 14.67 12.25
N ASP B 221 34.73 15.87 12.85
CA ASP B 221 35.69 16.23 13.93
C ASP B 221 34.99 16.95 15.09
N THR B 222 33.68 17.22 15.01
CA THR B 222 32.97 18.07 15.99
C THR B 222 32.12 17.24 16.95
N LEU B 223 31.63 16.04 16.55
CA LEU B 223 30.64 15.32 17.37
C LEU B 223 31.31 14.19 18.14
N TRP B 224 30.79 13.90 19.33
CA TRP B 224 31.22 12.78 20.20
C TRP B 224 30.08 11.77 20.33
N GLY B 225 30.41 10.48 20.37
CA GLY B 225 29.44 9.38 20.54
C GLY B 225 29.96 8.32 21.52
N PRO B 226 29.78 7.01 21.20
CA PRO B 226 29.96 5.93 22.17
C PRO B 226 30.84 6.27 23.38
N GLY B 227 30.26 6.94 24.39
CA GLY B 227 30.86 7.18 25.72
C GLY B 227 31.80 8.38 25.74
N ASP B 228 33.07 8.17 25.37
CA ASP B 228 34.15 9.21 25.35
C ASP B 228 34.84 9.21 23.99
N SER B 229 34.18 8.72 22.93
CA SER B 229 34.73 8.55 21.56
C SER B 229 34.25 9.69 20.65
N ARG B 230 35.09 10.12 19.72
CA ARG B 230 34.69 10.99 18.59
C ARG B 230 33.75 10.16 17.71
N LEU B 231 32.66 10.75 17.25
CA LEU B 231 31.69 10.11 16.31
C LEU B 231 32.28 10.18 14.91
N GLN B 232 32.87 9.08 14.42
CA GLN B 232 33.66 9.03 13.16
C GLN B 232 33.49 7.68 12.47
N LEU B 233 33.70 7.64 11.16
CA LEU B 233 33.56 6.36 10.42
C LEU B 233 32.24 5.66 10.81
N ASN B 234 31.15 6.42 10.91
CA ASN B 234 29.80 5.90 11.22
C ASN B 234 29.13 5.43 9.91
N PHE B 235 29.80 4.52 9.22
CA PHE B 235 29.25 3.85 8.02
C PHE B 235 29.33 2.36 8.27
N ARG B 236 28.46 1.64 7.58
CA ARG B 236 28.44 0.17 7.55
C ARG B 236 29.32 -0.28 6.39
N ALA B 237 29.96 -1.44 6.56
CA ALA B 237 30.72 -2.13 5.51
C ALA B 237 29.79 -2.51 4.35
N THR B 238 30.42 -2.69 3.20
CA THR B 238 29.79 -3.02 1.91
C THR B 238 29.08 -4.34 2.04
N GLN B 239 27.84 -4.42 1.54
CA GLN B 239 27.06 -5.67 1.53
C GLN B 239 27.00 -6.16 0.10
N PRO B 240 27.04 -7.50 -0.11
CA PRO B 240 26.90 -8.09 -1.44
C PRO B 240 25.51 -7.87 -2.01
N LEU B 241 25.44 -7.68 -3.33
CA LEU B 241 24.17 -7.53 -4.08
C LEU B 241 23.36 -8.82 -4.04
N ASN B 242 24.00 -10.00 -3.99
CA ASN B 242 23.26 -11.30 -3.93
C ASN B 242 22.28 -11.39 -5.08
N GLY B 243 22.69 -11.00 -6.27
CA GLY B 243 21.87 -11.14 -7.49
C GLY B 243 20.99 -9.94 -7.77
N ARG B 244 20.85 -9.01 -6.83
CA ARG B 244 20.13 -7.73 -7.12
C ARG B 244 20.83 -7.00 -8.27
N VAL B 245 20.07 -6.46 -9.21
CA VAL B 245 20.62 -5.61 -10.30
C VAL B 245 20.26 -4.16 -9.94
N ILE B 246 21.25 -3.29 -9.85
CA ILE B 246 21.02 -1.83 -9.65
C ILE B 246 20.49 -1.27 -10.96
N GLU B 247 19.41 -0.49 -10.89
CA GLU B 247 18.83 0.16 -12.07
C GLU B 247 19.41 1.57 -12.17
N ALA B 248 19.43 2.08 -13.39
CA ALA B 248 19.86 3.46 -13.70
C ALA B 248 18.75 4.13 -14.49
N SER B 249 18.55 5.42 -14.22
CA SER B 249 17.51 6.28 -14.83
C SER B 249 18.01 6.93 -16.14
N PHE B 250 19.17 6.53 -16.63
CA PHE B 250 19.83 7.12 -17.83
C PHE B 250 20.64 6.04 -18.54
N PRO B 251 20.77 6.12 -19.89
CA PRO B 251 21.54 5.12 -20.65
C PRO B 251 23.06 5.35 -20.59
N TRP C 1 -21.50 -6.95 -6.60
CA TRP C 1 -21.00 -6.47 -7.94
C TRP C 1 -21.13 -7.57 -8.99
N ARG C 2 -21.15 -7.20 -10.26
CA ARG C 2 -21.16 -8.17 -11.38
C ARG C 2 -20.61 -7.52 -12.66
N TYR C 3 -20.31 -8.34 -13.67
CA TYR C 3 -19.92 -7.89 -15.03
C TYR C 3 -21.18 -7.42 -15.77
N GLY C 4 -21.03 -6.49 -16.73
CA GLY C 4 -22.10 -6.10 -17.68
C GLY C 4 -23.31 -5.43 -17.03
N GLY C 5 -23.17 -4.78 -15.86
CA GLY C 5 -24.25 -3.96 -15.26
C GLY C 5 -24.03 -3.59 -13.80
N ASP C 6 -25.06 -3.00 -13.18
CA ASP C 6 -25.03 -2.28 -11.88
C ASP C 6 -24.89 -3.27 -10.72
N PRO C 7 -24.39 -2.83 -9.53
CA PRO C 7 -24.00 -1.44 -9.27
C PRO C 7 -22.73 -1.03 -10.05
N PRO C 8 -22.41 0.60 -10.34
CA PRO C 8 -21.10 0.99 -10.84
C PRO C 8 -20.05 0.57 -9.79
N TRP C 9 -18.95 -0.02 -10.22
CA TRP C 9 -17.91 -0.58 -9.30
C TRP C 9 -17.41 0.51 -8.35
N PRO C 10 -17.14 1.77 -8.79
CA PRO C 10 -16.73 2.84 -7.87
C PRO C 10 -17.65 3.05 -6.64
N ARG C 11 -18.98 2.82 -6.79
CA ARG C 11 -19.94 2.84 -5.66
C ARG C 11 -19.59 1.70 -4.69
N VAL C 12 -19.20 0.53 -5.22
CA VAL C 12 -18.82 -0.66 -4.40
C VAL C 12 -17.49 -0.38 -3.68
N SER C 13 -16.54 0.23 -4.39
CA SER C 13 -15.17 0.47 -3.89
C SER C 13 -14.60 1.65 -4.65
N PRO C 14 -14.32 2.78 -3.97
CA PRO C 14 -13.73 3.94 -4.63
C PRO C 14 -12.45 3.63 -5.44
N ALA C 15 -11.66 2.64 -5.01
CA ALA C 15 -10.38 2.29 -5.68
C ALA C 15 -10.66 1.91 -7.14
N CYS C 16 -11.89 1.46 -7.47
CA CYS C 16 -12.25 1.09 -8.85
C CYS C 16 -12.23 2.33 -9.74
N ALA C 17 -12.09 3.54 -9.15
CA ALA C 17 -12.01 4.80 -9.88
C ALA C 17 -10.59 5.36 -9.77
N GLY C 18 -9.61 4.56 -9.32
CA GLY C 18 -8.21 4.99 -9.23
C GLY C 18 -7.63 5.33 -10.59
N ARG C 19 -6.50 6.02 -10.63
CA ARG C 19 -5.89 6.46 -11.90
C ARG C 19 -5.11 5.29 -12.54
N PHE C 20 -4.71 4.31 -11.74
CA PHE C 20 -3.70 3.27 -12.11
C PHE C 20 -4.33 1.89 -11.99
N GLN C 21 -5.21 1.58 -12.94
CA GLN C 21 -6.05 0.37 -12.90
C GLN C 21 -5.59 -0.65 -13.94
N SER C 22 -6.10 -1.85 -13.78
CA SER C 22 -5.82 -3.04 -14.62
C SER C 22 -7.16 -3.54 -15.07
N PRO C 23 -7.30 -4.22 -16.22
CA PRO C 23 -6.18 -4.52 -17.10
C PRO C 23 -5.90 -3.35 -18.04
N VAL C 24 -4.90 -3.53 -18.90
CA VAL C 24 -4.42 -2.47 -19.82
C VAL C 24 -4.24 -3.10 -21.20
N ASP C 25 -4.22 -2.23 -22.20
CA ASP C 25 -3.78 -2.61 -23.57
C ASP C 25 -2.27 -2.53 -23.58
N ILE C 26 -1.60 -3.63 -23.88
CA ILE C 26 -0.12 -3.68 -24.04
C ILE C 26 0.18 -3.28 -25.50
N ARG C 27 0.92 -2.19 -25.68
CA ARG C 27 1.49 -1.76 -26.98
C ARG C 27 2.99 -1.95 -26.86
N PRO C 28 3.53 -3.08 -27.32
CA PRO C 28 4.93 -3.42 -27.10
C PRO C 28 5.94 -2.42 -27.70
N GLN C 29 5.49 -1.60 -28.67
CA GLN C 29 6.30 -0.45 -29.19
C GLN C 29 6.53 0.58 -28.06
N LEU C 30 5.57 0.82 -27.17
CA LEU C 30 5.73 1.81 -26.06
C LEU C 30 6.29 1.12 -24.80
N ALA C 31 6.50 -0.20 -24.82
CA ALA C 31 7.11 -0.95 -23.68
C ALA C 31 8.56 -0.55 -23.53
N ALA C 32 8.99 -0.32 -22.29
CA ALA C 32 10.38 -0.03 -21.89
C ALA C 32 11.08 -1.35 -21.68
N PHE C 33 12.17 -1.58 -22.39
CA PHE C 33 13.04 -2.76 -22.14
C PHE C 33 13.81 -2.49 -20.87
N SER C 34 13.77 -3.42 -19.93
CA SER C 34 14.47 -3.32 -18.63
C SER C 34 15.23 -4.61 -18.42
N PRO C 35 16.56 -4.65 -18.65
CA PRO C 35 17.32 -5.87 -18.41
C PRO C 35 17.44 -6.31 -16.95
N ALA C 36 16.91 -5.53 -16.00
CA ALA C 36 16.84 -5.99 -14.60
C ALA C 36 15.76 -7.09 -14.46
N LEU C 37 14.85 -7.21 -15.44
CA LEU C 37 13.75 -8.21 -15.40
C LEU C 37 14.29 -9.59 -15.78
N ARG C 38 14.52 -10.42 -14.78
CA ARG C 38 15.09 -11.77 -14.95
C ARG C 38 13.97 -12.80 -15.01
N PRO C 39 14.26 -14.04 -15.48
CA PRO C 39 13.27 -15.11 -15.56
C PRO C 39 12.65 -15.34 -14.16
N LEU C 40 11.34 -15.46 -14.14
CA LEU C 40 10.54 -15.80 -12.92
C LEU C 40 10.98 -17.15 -12.37
N GLU C 41 11.02 -17.28 -11.06
CA GLU C 41 11.32 -18.52 -10.30
C GLU C 41 10.04 -19.01 -9.56
N LEU C 42 9.62 -20.25 -9.82
CA LEU C 42 8.49 -20.98 -9.16
C LEU C 42 9.03 -22.20 -8.42
N LEU C 43 8.78 -22.31 -7.10
CA LEU C 43 9.14 -23.48 -6.27
C LEU C 43 7.88 -24.08 -5.66
N GLY C 44 7.82 -25.40 -5.59
CA GLY C 44 6.73 -26.14 -4.93
C GLY C 44 5.47 -26.22 -5.76
N PHE C 45 5.49 -25.84 -7.05
CA PHE C 45 4.25 -25.86 -7.87
C PHE C 45 3.87 -27.30 -8.29
N GLN C 46 4.82 -28.23 -8.23
CA GLN C 46 4.55 -29.62 -8.65
C GLN C 46 3.92 -30.34 -7.45
N LEU C 47 2.60 -30.40 -7.36
CA LEU C 47 1.92 -30.94 -6.16
C LEU C 47 1.76 -32.46 -6.26
N PRO C 48 1.72 -33.14 -5.10
CA PRO C 48 1.26 -34.52 -5.02
C PRO C 48 -0.26 -34.52 -5.17
N PRO C 49 -0.86 -35.67 -5.53
CA PRO C 49 -2.30 -35.72 -5.74
C PRO C 49 -3.14 -35.49 -4.46
N LEU C 50 -2.65 -35.89 -3.28
CA LEU C 50 -3.31 -35.58 -1.98
C LEU C 50 -2.40 -34.68 -1.15
N PRO C 51 -2.93 -33.69 -0.41
CA PRO C 51 -4.38 -33.44 -0.35
C PRO C 51 -4.95 -32.81 -1.62
N GLU C 52 -6.25 -32.97 -1.81
CA GLU C 52 -7.00 -32.41 -2.94
C GLU C 52 -7.12 -30.89 -2.80
N LEU C 53 -7.38 -30.21 -3.90
CA LEU C 53 -7.61 -28.75 -3.91
C LEU C 53 -9.11 -28.49 -4.14
N ARG C 54 -9.57 -27.32 -3.74
CA ARG C 54 -10.97 -26.90 -3.96
C ARG C 54 -11.04 -26.02 -5.22
N LEU C 55 -11.89 -26.44 -6.13
CA LEU C 55 -12.23 -25.71 -7.37
C LEU C 55 -13.65 -25.18 -7.24
N ARG C 56 -13.85 -23.89 -7.43
CA ARG C 56 -15.15 -23.25 -7.05
C ARG C 56 -15.65 -22.37 -8.18
N ASN C 57 -16.93 -22.51 -8.50
CA ASN C 57 -17.65 -21.53 -9.34
C ASN C 57 -18.14 -20.43 -8.40
N ASN C 58 -17.51 -19.27 -8.36
CA ASN C 58 -17.88 -18.21 -7.40
C ASN C 58 -18.86 -17.23 -8.05
N GLY C 59 -19.37 -17.54 -9.25
CA GLY C 59 -20.27 -16.67 -10.02
C GLY C 59 -19.55 -15.61 -10.84
N HIS C 60 -18.28 -15.30 -10.54
CA HIS C 60 -17.48 -14.34 -11.37
C HIS C 60 -16.40 -15.06 -12.16
N SER C 61 -15.94 -16.19 -11.68
CA SER C 61 -14.91 -17.00 -12.33
C SER C 61 -15.01 -18.44 -11.83
N VAL C 62 -14.11 -19.27 -12.32
CA VAL C 62 -13.79 -20.56 -11.68
C VAL C 62 -12.42 -20.38 -11.00
N GLN C 63 -12.34 -20.69 -9.72
CA GLN C 63 -11.14 -20.42 -8.89
C GLN C 63 -10.66 -21.73 -8.32
N LEU C 64 -9.36 -21.98 -8.46
CA LEU C 64 -8.70 -23.09 -7.77
C LEU C 64 -7.89 -22.48 -6.62
N THR C 65 -8.18 -22.86 -5.39
CA THR C 65 -7.44 -22.37 -4.20
C THR C 65 -6.21 -23.25 -4.02
N LEU C 66 -5.06 -22.61 -3.83
CA LEU C 66 -3.75 -23.28 -3.80
C LEU C 66 -3.36 -23.50 -2.35
N PRO C 67 -2.66 -24.62 -2.05
CA PRO C 67 -2.23 -24.93 -0.69
C PRO C 67 -1.04 -24.07 -0.33
N PRO C 68 -0.70 -24.03 0.97
CA PRO C 68 0.55 -23.39 1.37
C PRO C 68 1.74 -24.03 0.62
N GLY C 69 3.03 -23.30 0.59
CA GLY C 69 4.34 -23.77 0.10
C GLY C 69 4.58 -23.59 -1.39
N LEU C 70 3.77 -22.82 -2.12
CA LEU C 70 4.07 -22.47 -3.53
C LEU C 70 4.72 -21.09 -3.50
N GLU C 71 6.01 -21.06 -3.78
CA GLU C 71 6.83 -19.82 -3.68
C GLU C 71 7.13 -19.36 -5.10
N MET C 72 7.03 -18.05 -5.31
CA MET C 72 7.28 -17.39 -6.60
C MET C 72 8.17 -16.20 -6.33
N ALA C 73 9.19 -15.99 -7.16
CA ALA C 73 10.04 -14.78 -7.05
C ALA C 73 10.05 -14.04 -8.37
N LEU C 74 9.78 -12.74 -8.33
CA LEU C 74 9.87 -11.87 -9.52
C LEU C 74 11.32 -11.52 -9.77
N GLY C 75 12.11 -11.70 -8.73
CA GLY C 75 13.55 -11.45 -8.74
C GLY C 75 14.06 -11.50 -7.32
N PRO C 76 15.56 -11.48 -7.24
CA PRO C 76 16.20 -11.53 -5.92
C PRO C 76 15.56 -10.56 -4.93
N GLY C 77 15.10 -11.06 -3.79
CA GLY C 77 14.43 -10.29 -2.73
C GLY C 77 12.97 -9.93 -3.02
N ARG C 78 12.39 -10.42 -4.12
CA ARG C 78 11.00 -10.07 -4.53
C ARG C 78 10.16 -11.36 -4.41
N GLU C 79 9.81 -11.75 -3.18
CA GLU C 79 9.30 -13.12 -2.93
C GLU C 79 7.82 -13.09 -2.57
N TYR C 80 7.11 -14.10 -3.09
CA TYR C 80 5.63 -14.22 -3.05
C TYR C 80 5.26 -15.68 -2.74
N ARG C 81 4.04 -15.88 -2.22
CA ARG C 81 3.37 -17.18 -2.01
C ARG C 81 2.10 -17.17 -2.84
N ALA C 82 1.88 -18.21 -3.62
CA ALA C 82 0.70 -18.38 -4.48
C ALA C 82 -0.53 -18.66 -3.57
N LEU C 83 -1.62 -17.97 -3.87
CA LEU C 83 -2.90 -18.06 -3.12
C LEU C 83 -3.87 -18.88 -3.93
N GLN C 84 -4.06 -18.51 -5.19
CA GLN C 84 -5.18 -19.07 -6.02
C GLN C 84 -4.93 -18.75 -7.48
N LEU C 85 -5.63 -19.45 -8.36
CA LEU C 85 -5.70 -19.04 -9.79
C LEU C 85 -7.16 -19.09 -10.22
N HIS C 86 -7.46 -18.31 -11.23
CA HIS C 86 -8.82 -18.22 -11.82
C HIS C 86 -8.68 -17.80 -13.28
N LEU C 87 -9.79 -17.78 -14.00
CA LEU C 87 -9.80 -17.59 -15.47
C LEU C 87 -10.77 -16.47 -15.82
N HIS C 88 -10.48 -15.80 -16.93
CA HIS C 88 -11.39 -14.82 -17.56
C HIS C 88 -11.58 -15.31 -18.99
N TRP C 89 -12.80 -15.24 -19.51
CA TRP C 89 -13.15 -15.84 -20.82
C TRP C 89 -14.32 -15.10 -21.49
N GLY C 90 -14.59 -15.45 -22.73
CA GLY C 90 -15.63 -14.80 -23.52
C GLY C 90 -16.87 -15.66 -23.66
N ALA C 91 -17.22 -15.97 -24.90
CA ALA C 91 -18.45 -16.69 -25.31
C ALA C 91 -18.27 -17.14 -26.77
N ALA C 92 -19.15 -17.99 -27.28
CA ALA C 92 -19.11 -18.51 -28.68
C ALA C 92 -18.64 -17.39 -29.62
N GLY C 93 -17.45 -17.54 -30.21
CA GLY C 93 -16.88 -16.60 -31.19
C GLY C 93 -16.59 -15.23 -30.60
N ARG C 94 -16.44 -15.11 -29.27
CA ARG C 94 -16.07 -13.79 -28.67
C ARG C 94 -14.92 -14.04 -27.69
N PRO C 95 -13.76 -13.38 -27.92
CA PRO C 95 -12.62 -13.53 -27.03
C PRO C 95 -12.92 -12.86 -25.68
N GLY C 96 -12.25 -13.30 -24.61
CA GLY C 96 -12.48 -12.71 -23.29
C GLY C 96 -11.25 -12.55 -22.42
N SER C 97 -10.05 -12.42 -22.98
CA SER C 97 -8.87 -12.02 -22.16
C SER C 97 -9.15 -10.64 -21.55
N GLU C 98 -8.48 -10.32 -20.44
CA GLU C 98 -8.57 -9.01 -19.76
C GLU C 98 -7.58 -8.07 -20.41
N HIS C 99 -6.33 -8.48 -20.45
CA HIS C 99 -5.28 -7.73 -21.16
C HIS C 99 -5.52 -7.89 -22.66
N THR C 100 -5.08 -6.89 -23.42
CA THR C 100 -5.06 -6.88 -24.91
C THR C 100 -3.63 -6.55 -25.32
N VAL C 101 -3.27 -6.93 -26.55
CA VAL C 101 -1.96 -6.57 -27.16
C VAL C 101 -2.31 -5.86 -28.48
N GLU C 102 -2.03 -4.56 -28.54
CA GLU C 102 -2.35 -3.68 -29.70
C GLU C 102 -3.81 -3.88 -30.03
N GLY C 103 -4.65 -3.91 -29.01
CA GLY C 103 -6.11 -3.98 -29.19
C GLY C 103 -6.60 -5.39 -29.47
N HIS C 104 -5.73 -6.39 -29.68
CA HIS C 104 -6.16 -7.81 -29.89
C HIS C 104 -6.59 -8.42 -28.53
N ARG C 105 -7.81 -8.90 -28.41
CA ARG C 105 -8.29 -9.67 -27.23
C ARG C 105 -8.13 -11.17 -27.53
N PHE C 106 -7.52 -11.92 -26.60
CA PHE C 106 -7.28 -13.38 -26.76
C PHE C 106 -8.49 -14.13 -26.25
N PRO C 107 -8.66 -15.42 -26.62
CA PRO C 107 -9.83 -16.18 -26.22
C PRO C 107 -10.06 -16.13 -24.69
N ALA C 108 -9.00 -16.35 -23.91
CA ALA C 108 -9.09 -16.39 -22.44
C ALA C 108 -7.77 -16.00 -21.78
N GLU C 109 -7.78 -15.91 -20.45
CA GLU C 109 -6.61 -15.47 -19.66
C GLU C 109 -6.65 -16.19 -18.29
N ILE C 110 -5.49 -16.65 -17.86
CA ILE C 110 -5.28 -17.24 -16.50
C ILE C 110 -4.58 -16.19 -15.66
N HIS C 111 -5.02 -16.07 -14.41
CA HIS C 111 -4.41 -15.22 -13.37
C HIS C 111 -4.02 -16.11 -12.20
N VAL C 112 -2.75 -16.09 -11.83
CA VAL C 112 -2.27 -16.76 -10.59
C VAL C 112 -1.89 -15.65 -9.61
N VAL C 113 -2.68 -15.53 -8.54
CA VAL C 113 -2.59 -14.43 -7.56
C VAL C 113 -1.62 -14.87 -6.47
N HIS C 114 -0.69 -13.98 -6.11
CA HIS C 114 0.35 -14.19 -5.07
C HIS C 114 0.37 -13.04 -4.06
N LEU C 115 0.78 -13.40 -2.85
CA LEU C 115 0.89 -12.49 -1.70
C LEU C 115 2.36 -12.36 -1.31
N SER C 116 2.84 -11.14 -1.20
CA SER C 116 4.22 -10.86 -0.72
C SER C 116 4.43 -11.59 0.61
N THR C 117 5.60 -12.22 0.75
CA THR C 117 5.96 -12.97 1.99
C THR C 117 6.05 -11.94 3.11
N ALA C 118 6.14 -10.38 2.89
CA ALA C 118 6.13 -9.52 4.08
C ALA C 118 4.73 -9.46 4.73
N PHE C 119 3.69 -10.02 4.10
CA PHE C 119 2.30 -9.89 4.57
C PHE C 119 1.75 -11.27 4.90
N ALA C 120 1.07 -11.41 6.04
CA ALA C 120 0.38 -12.66 6.46
C ALA C 120 -0.91 -12.84 5.65
N ARG C 121 -1.59 -11.76 5.27
CA ARG C 121 -2.94 -11.85 4.66
C ARG C 121 -3.16 -10.83 3.56
N VAL C 122 -4.10 -11.15 2.68
CA VAL C 122 -4.40 -10.27 1.52
C VAL C 122 -4.91 -8.93 2.03
N ASP C 123 -5.77 -8.91 3.06
CA ASP C 123 -6.38 -7.64 3.51
C ASP C 123 -5.27 -6.68 3.99
N GLU C 124 -4.16 -7.21 4.49
CA GLU C 124 -3.03 -6.38 4.96
C GLU C 124 -2.22 -5.84 3.78
N ALA C 125 -2.25 -6.52 2.64
CA ALA C 125 -1.43 -6.23 1.43
C ALA C 125 -2.17 -5.32 0.45
N LEU C 126 -3.51 -5.27 0.52
CA LEU C 126 -4.34 -4.49 -0.43
C LEU C 126 -3.92 -3.01 -0.40
N GLY C 127 -3.65 -2.43 -1.57
CA GLY C 127 -3.26 -1.04 -1.70
C GLY C 127 -1.81 -0.79 -1.32
N ARG C 128 -1.06 -1.77 -0.79
CA ARG C 128 0.39 -1.53 -0.49
C ARG C 128 1.21 -1.86 -1.73
N PRO C 129 2.28 -1.08 -2.03
CA PRO C 129 3.09 -1.27 -3.24
C PRO C 129 3.74 -2.67 -3.28
N GLY C 130 3.43 -3.47 -4.29
CA GLY C 130 4.03 -4.82 -4.42
C GLY C 130 3.50 -5.82 -3.42
N GLY C 131 2.42 -5.47 -2.72
CA GLY C 131 1.81 -6.39 -1.74
C GLY C 131 1.28 -7.66 -2.41
N LEU C 132 0.70 -7.52 -3.60
CA LEU C 132 0.16 -8.63 -4.43
C LEU C 132 0.88 -8.67 -5.77
N ALA C 133 1.06 -9.87 -6.32
CA ALA C 133 1.63 -10.06 -7.66
C ALA C 133 0.77 -11.09 -8.39
N VAL C 134 0.44 -10.81 -9.63
CA VAL C 134 -0.36 -11.72 -10.50
C VAL C 134 0.52 -12.13 -11.67
N LEU C 135 0.61 -13.44 -11.90
CA LEU C 135 1.12 -14.02 -13.18
C LEU C 135 -0.06 -14.23 -14.12
N ALA C 136 -0.01 -13.60 -15.31
CA ALA C 136 -1.09 -13.63 -16.30
C ALA C 136 -0.55 -14.23 -17.61
N ALA C 137 -1.33 -15.12 -18.20
CA ALA C 137 -1.00 -15.76 -19.50
C ALA C 137 -2.29 -15.84 -20.31
N PHE C 138 -2.15 -15.58 -21.59
CA PHE C 138 -3.27 -15.72 -22.55
C PHE C 138 -3.46 -17.19 -22.86
N LEU C 139 -4.70 -17.56 -23.07
CA LEU C 139 -5.04 -18.90 -23.56
C LEU C 139 -5.53 -18.73 -25.00
N GLU C 140 -4.98 -19.54 -25.92
CA GLU C 140 -5.26 -19.51 -27.38
C GLU C 140 -5.65 -20.92 -27.81
N GLU C 141 -6.23 -21.03 -28.99
CA GLU C 141 -6.54 -22.35 -29.59
C GLU C 141 -5.27 -22.99 -30.17
N GLY C 142 -5.01 -24.21 -29.72
CA GLY C 142 -4.02 -25.09 -30.34
C GLY C 142 -4.68 -26.39 -30.81
N PRO C 143 -3.95 -27.26 -31.50
CA PRO C 143 -4.51 -28.51 -32.01
C PRO C 143 -4.70 -29.67 -31.02
N GLU C 144 -4.01 -29.63 -29.90
CA GLU C 144 -3.99 -30.76 -28.96
C GLU C 144 -4.81 -30.37 -27.72
N GLU C 145 -5.45 -31.37 -27.11
CA GLU C 145 -6.05 -31.20 -25.76
C GLU C 145 -4.94 -30.87 -24.76
N ASN C 146 -5.07 -29.79 -23.99
CA ASN C 146 -4.08 -29.49 -22.94
C ASN C 146 -4.37 -30.37 -21.71
N SER C 147 -3.49 -31.30 -21.33
CA SER C 147 -3.83 -32.32 -20.31
C SER C 147 -3.85 -31.69 -18.91
N ALA C 148 -3.08 -30.65 -18.67
CA ALA C 148 -3.13 -29.98 -17.33
C ALA C 148 -4.46 -29.26 -17.19
N TYR C 149 -4.89 -28.53 -18.21
CA TYR C 149 -6.19 -27.83 -18.20
C TYR C 149 -7.31 -28.85 -18.16
N GLU C 150 -7.16 -30.01 -18.78
CA GLU C 150 -8.23 -31.01 -18.85
C GLU C 150 -8.61 -31.43 -17.43
N GLN C 151 -7.67 -31.45 -16.50
CA GLN C 151 -7.97 -31.88 -15.10
C GLN C 151 -8.97 -30.94 -14.42
N LEU C 152 -9.01 -29.67 -14.84
CA LEU C 152 -9.93 -28.68 -14.27
C LEU C 152 -11.18 -28.63 -15.16
N LEU C 153 -11.01 -28.60 -16.49
CA LEU C 153 -12.16 -28.37 -17.41
C LEU C 153 -13.11 -29.57 -17.37
N SER C 154 -12.60 -30.79 -17.15
CA SER C 154 -13.40 -32.03 -17.04
C SER C 154 -14.31 -31.96 -15.79
N ARG C 155 -14.06 -31.04 -14.87
CA ARG C 155 -14.79 -30.94 -13.58
C ARG C 155 -15.78 -29.78 -13.62
N LEU C 156 -15.81 -28.98 -14.70
CA LEU C 156 -16.70 -27.78 -14.70
C LEU C 156 -18.16 -28.21 -14.62
N GLU C 157 -18.49 -29.34 -15.25
CA GLU C 157 -19.89 -29.86 -15.25
C GLU C 157 -20.38 -29.98 -13.81
N GLU C 158 -19.56 -30.54 -12.91
CA GLU C 158 -19.92 -30.73 -11.48
C GLU C 158 -20.16 -29.38 -10.80
N ILE C 159 -19.61 -28.26 -11.30
CA ILE C 159 -19.69 -26.96 -10.60
C ILE C 159 -20.45 -25.93 -11.45
N ALA C 160 -21.33 -26.40 -12.33
CA ALA C 160 -22.09 -25.54 -13.26
C ALA C 160 -22.83 -24.46 -12.46
N GLU C 161 -23.40 -24.83 -11.32
CA GLU C 161 -24.29 -23.94 -10.52
C GLU C 161 -23.45 -22.86 -9.83
N GLU C 162 -23.87 -21.60 -9.91
CA GLU C 162 -23.21 -20.50 -9.18
C GLU C 162 -23.05 -20.89 -7.71
N GLY C 163 -21.84 -20.72 -7.15
CA GLY C 163 -21.53 -20.98 -5.72
C GLY C 163 -21.24 -22.44 -5.41
N SER C 164 -21.07 -23.26 -6.43
CA SER C 164 -20.83 -24.72 -6.37
C SER C 164 -19.31 -24.98 -6.23
N GLU C 165 -18.88 -26.06 -5.61
CA GLU C 165 -17.42 -26.38 -5.58
C GLU C 165 -17.23 -27.90 -5.57
N THR C 166 -16.02 -28.33 -5.87
CA THR C 166 -15.64 -29.75 -5.94
C THR C 166 -14.16 -29.86 -5.56
N GLN C 167 -13.70 -31.05 -5.23
CA GLN C 167 -12.29 -31.32 -4.86
C GLN C 167 -11.63 -31.92 -6.09
N VAL C 168 -10.40 -31.48 -6.41
CA VAL C 168 -9.61 -32.05 -7.53
C VAL C 168 -8.26 -32.44 -6.98
N PRO C 169 -7.68 -33.52 -7.53
CA PRO C 169 -6.32 -33.92 -7.15
C PRO C 169 -5.29 -32.81 -7.42
N GLY C 170 -4.30 -32.69 -6.54
CA GLY C 170 -3.06 -31.94 -6.80
C GLY C 170 -2.53 -32.25 -8.19
N LEU C 171 -1.96 -31.25 -8.86
CA LEU C 171 -1.29 -31.39 -10.17
C LEU C 171 -0.13 -30.41 -10.24
N ASP C 172 0.58 -30.46 -11.34
CA ASP C 172 1.67 -29.50 -11.64
C ASP C 172 1.01 -28.17 -12.03
N ILE C 173 0.90 -27.26 -11.08
CA ILE C 173 0.25 -25.94 -11.30
C ILE C 173 1.04 -25.18 -12.37
N SER C 174 2.37 -25.32 -12.39
CA SER C 174 3.22 -24.62 -13.40
C SER C 174 2.88 -25.09 -14.83
N ALA C 175 2.20 -26.23 -15.03
CA ALA C 175 1.83 -26.74 -16.37
C ALA C 175 0.59 -26.01 -16.88
N LEU C 176 -0.03 -25.16 -16.06
CA LEU C 176 -1.10 -24.27 -16.51
C LEU C 176 -0.53 -22.97 -17.06
N LEU C 177 0.78 -22.76 -16.93
CA LEU C 177 1.41 -21.52 -17.42
C LEU C 177 2.32 -21.87 -18.59
N PRO C 178 2.71 -20.86 -19.39
CA PRO C 178 3.68 -21.04 -20.48
C PRO C 178 5.01 -21.57 -19.95
N SER C 179 5.72 -22.33 -20.75
CA SER C 179 7.03 -22.85 -20.32
C SER C 179 8.11 -21.74 -20.40
N ASP C 180 7.90 -20.67 -21.19
CA ASP C 180 8.89 -19.56 -21.24
C ASP C 180 8.64 -18.57 -20.09
N PHE C 181 9.46 -18.63 -19.04
CA PHE C 181 9.40 -17.71 -17.90
C PHE C 181 10.35 -16.50 -18.08
N SER C 182 10.97 -16.31 -19.27
CA SER C 182 12.00 -15.28 -19.55
C SER C 182 11.38 -14.05 -20.18
N ARG C 183 10.36 -14.23 -20.99
CA ARG C 183 9.84 -13.15 -21.84
C ARG C 183 8.48 -12.76 -21.30
N TYR C 184 8.38 -11.52 -20.77
CA TYR C 184 7.14 -11.03 -20.13
C TYR C 184 7.17 -9.50 -20.07
N PHE C 185 6.00 -8.93 -20.05
CA PHE C 185 5.72 -7.51 -19.73
C PHE C 185 5.38 -7.41 -18.25
N GLN C 186 5.72 -6.28 -17.65
CA GLN C 186 5.53 -6.08 -16.18
C GLN C 186 5.13 -4.63 -15.97
N TYR C 187 4.08 -4.40 -15.19
CA TYR C 187 3.63 -3.03 -14.87
C TYR C 187 2.92 -3.08 -13.52
N GLU C 188 2.67 -1.88 -12.97
CA GLU C 188 1.97 -1.70 -11.68
C GLU C 188 0.54 -1.30 -11.98
N GLY C 189 -0.40 -2.04 -11.40
CA GLY C 189 -1.83 -1.82 -11.60
C GLY C 189 -2.62 -2.20 -10.36
N SER C 190 -3.77 -2.82 -10.59
CA SER C 190 -4.82 -3.02 -9.56
C SER C 190 -5.37 -4.42 -9.68
N LEU C 191 -6.18 -4.81 -8.71
CA LEU C 191 -7.16 -5.85 -8.97
C LEU C 191 -8.06 -5.41 -10.13
N THR C 192 -8.46 -6.36 -10.97
CA THR C 192 -9.39 -6.14 -12.10
C THR C 192 -10.82 -6.38 -11.62
N THR C 193 -10.99 -6.75 -10.37
CA THR C 193 -12.32 -6.93 -9.75
C THR C 193 -12.34 -6.08 -8.49
N PRO C 194 -13.54 -5.68 -8.01
CA PRO C 194 -13.64 -4.96 -6.75
C PRO C 194 -12.92 -5.77 -5.68
N PRO C 195 -12.24 -5.12 -4.72
CA PRO C 195 -12.21 -3.65 -4.59
C PRO C 195 -11.22 -2.85 -5.46
N CYS C 196 -10.63 -3.44 -6.51
CA CYS C 196 -9.74 -2.76 -7.48
C CYS C 196 -8.55 -2.04 -6.82
N ALA C 197 -8.03 -2.54 -5.69
CA ALA C 197 -6.93 -1.89 -4.95
C ALA C 197 -5.69 -1.83 -5.86
N GLN C 198 -4.98 -0.72 -5.81
CA GLN C 198 -3.72 -0.55 -6.57
C GLN C 198 -2.54 -1.18 -5.79
N GLY C 199 -1.33 -1.07 -6.33
CA GLY C 199 -0.12 -1.69 -5.75
C GLY C 199 0.13 -3.08 -6.29
N VAL C 200 -0.63 -3.58 -7.27
CA VAL C 200 -0.46 -4.99 -7.73
C VAL C 200 0.64 -4.99 -8.80
N ILE C 201 1.63 -5.89 -8.70
CA ILE C 201 2.64 -6.12 -9.78
C ILE C 201 2.06 -7.16 -10.74
N TRP C 202 1.82 -6.75 -11.98
CA TRP C 202 1.28 -7.60 -13.06
C TRP C 202 2.44 -8.05 -13.96
N THR C 203 2.60 -9.36 -14.10
CA THR C 203 3.52 -10.01 -15.09
C THR C 203 2.67 -10.73 -16.14
N VAL C 204 2.73 -10.29 -17.42
CA VAL C 204 1.99 -10.90 -18.55
C VAL C 204 3.01 -11.60 -19.45
N PHE C 205 2.91 -12.93 -19.55
CA PHE C 205 3.84 -13.77 -20.35
C PHE C 205 3.70 -13.40 -21.85
N ASN C 206 4.82 -13.31 -22.60
CA ASN C 206 4.92 -13.20 -24.10
C ASN C 206 4.31 -14.50 -24.69
N GLN C 207 4.76 -15.66 -24.22
CA GLN C 207 4.28 -16.96 -24.74
C GLN C 207 2.84 -17.22 -24.22
N THR C 208 1.98 -17.79 -25.07
CA THR C 208 0.59 -18.14 -24.76
C THR C 208 0.48 -19.63 -24.43
N VAL C 209 -0.61 -20.02 -23.78
CA VAL C 209 -0.83 -21.46 -23.53
C VAL C 209 -1.92 -21.92 -24.50
N MET C 210 -1.78 -23.14 -24.99
CA MET C 210 -2.64 -23.76 -26.03
C MET C 210 -3.68 -24.67 -25.39
N LEU C 211 -4.95 -24.39 -25.64
CA LEU C 211 -6.10 -25.28 -25.34
C LEU C 211 -6.77 -25.71 -26.67
N SER C 212 -7.43 -26.85 -26.69
CA SER C 212 -8.24 -27.27 -27.87
C SER C 212 -9.46 -26.37 -27.99
N ALA C 213 -10.05 -26.31 -29.17
CA ALA C 213 -11.31 -25.57 -29.40
C ALA C 213 -12.36 -26.12 -28.43
N LYS C 214 -12.40 -27.43 -28.23
CA LYS C 214 -13.40 -28.09 -27.36
C LYS C 214 -13.17 -27.62 -25.91
N GLN C 215 -11.91 -27.54 -25.48
CA GLN C 215 -11.55 -27.01 -24.13
C GLN C 215 -12.03 -25.57 -24.00
N LEU C 216 -11.81 -24.71 -24.99
CA LEU C 216 -12.25 -23.30 -24.86
C LEU C 216 -13.77 -23.24 -24.80
N HIS C 217 -14.46 -24.09 -25.54
CA HIS C 217 -15.94 -24.13 -25.55
C HIS C 217 -16.41 -24.63 -24.17
N THR C 218 -15.78 -25.65 -23.59
CA THR C 218 -16.13 -26.12 -22.24
C THR C 218 -16.03 -24.96 -21.24
N LEU C 219 -14.96 -24.18 -21.30
CA LEU C 219 -14.73 -23.08 -20.34
C LEU C 219 -15.87 -22.06 -20.44
N SER C 220 -16.25 -21.68 -21.65
CA SER C 220 -17.16 -20.53 -21.87
C SER C 220 -18.63 -20.99 -21.80
N ASP C 221 -18.90 -22.28 -21.94
CA ASP C 221 -20.28 -22.79 -22.20
C ASP C 221 -20.84 -23.54 -20.98
N THR C 222 -20.08 -23.78 -19.91
CA THR C 222 -20.51 -24.76 -18.87
C THR C 222 -21.05 -24.08 -17.62
N LEU C 223 -20.49 -22.95 -17.20
CA LEU C 223 -20.77 -22.39 -15.86
C LEU C 223 -21.88 -21.36 -15.97
N TRP C 224 -22.68 -21.29 -14.92
CA TRP C 224 -23.77 -20.30 -14.72
C TRP C 224 -23.36 -19.32 -13.61
N GLY C 225 -23.77 -18.07 -13.78
CA GLY C 225 -23.36 -16.93 -12.95
C GLY C 225 -24.57 -16.34 -12.24
N PRO C 226 -24.49 -15.06 -11.80
CA PRO C 226 -25.60 -14.43 -11.07
C PRO C 226 -26.94 -14.64 -11.78
N GLY C 227 -27.97 -15.02 -11.02
CA GLY C 227 -29.33 -15.30 -11.52
C GLY C 227 -29.37 -16.51 -12.43
N ASP C 228 -30.01 -16.35 -13.59
CA ASP C 228 -30.15 -17.42 -14.61
C ASP C 228 -29.23 -17.11 -15.79
N SER C 229 -28.16 -16.32 -15.59
CA SER C 229 -27.22 -15.91 -16.66
C SER C 229 -26.07 -16.94 -16.79
N ARG C 230 -25.59 -17.16 -18.01
CA ARG C 230 -24.36 -17.93 -18.26
C ARG C 230 -23.16 -17.13 -17.73
N LEU C 231 -22.19 -17.82 -17.14
CA LEU C 231 -20.92 -17.19 -16.70
C LEU C 231 -20.04 -17.09 -17.94
N GLN C 232 -20.07 -15.93 -18.58
CA GLN C 232 -19.38 -15.64 -19.85
C GLN C 232 -18.96 -14.17 -19.82
N LEU C 233 -17.98 -13.81 -20.65
CA LEU C 233 -17.58 -12.41 -20.91
C LEU C 233 -17.19 -11.77 -19.56
N ASN C 234 -16.52 -12.55 -18.70
CA ASN C 234 -16.21 -12.17 -17.30
C ASN C 234 -14.85 -11.47 -17.28
N PHE C 235 -14.74 -10.33 -17.97
CA PHE C 235 -13.51 -9.54 -18.12
C PHE C 235 -13.88 -8.06 -17.98
N ARG C 236 -12.98 -7.29 -17.41
CA ARG C 236 -13.09 -5.82 -17.29
C ARG C 236 -12.57 -5.17 -18.58
N ALA C 237 -13.22 -4.09 -19.00
CA ALA C 237 -12.71 -3.20 -20.08
C ALA C 237 -11.29 -2.75 -19.72
N THR C 238 -10.48 -2.61 -20.74
CA THR C 238 -9.12 -2.03 -20.74
C THR C 238 -9.15 -0.62 -20.08
N GLN C 239 -8.15 -0.38 -19.23
CA GLN C 239 -8.01 0.83 -18.39
C GLN C 239 -6.83 1.60 -18.93
N PRO C 240 -6.90 2.95 -18.95
CA PRO C 240 -5.83 3.75 -19.52
C PRO C 240 -4.57 3.57 -18.68
N LEU C 241 -3.40 3.58 -19.31
CA LEU C 241 -2.10 3.53 -18.61
C LEU C 241 -1.88 4.80 -17.80
N ASN C 242 -2.36 5.93 -18.32
CA ASN C 242 -2.38 7.24 -17.62
C ASN C 242 -0.95 7.61 -17.24
N GLY C 243 0.00 7.32 -18.13
CA GLY C 243 1.42 7.72 -17.99
C GLY C 243 2.29 6.65 -17.36
N ARG C 244 1.72 5.54 -16.89
CA ARG C 244 2.54 4.36 -16.51
C ARG C 244 3.28 3.86 -17.75
N VAL C 245 4.45 3.30 -17.52
CA VAL C 245 5.29 2.66 -18.55
C VAL C 245 5.30 1.15 -18.28
N ILE C 246 4.82 0.38 -19.25
CA ILE C 246 4.93 -1.10 -19.21
C ILE C 246 6.39 -1.42 -19.51
N GLU C 247 7.03 -2.22 -18.66
CA GLU C 247 8.39 -2.73 -18.89
C GLU C 247 8.31 -4.08 -19.59
N ALA C 248 9.36 -4.42 -20.31
CA ALA C 248 9.50 -5.75 -20.98
C ALA C 248 10.84 -6.31 -20.60
N SER C 249 10.89 -7.62 -20.44
CA SER C 249 12.12 -8.34 -20.06
C SER C 249 12.96 -8.62 -21.32
N PHE C 250 12.59 -8.08 -22.49
CA PHE C 250 13.22 -8.37 -23.80
C PHE C 250 13.08 -7.14 -24.69
N PRO C 251 14.09 -6.87 -25.54
CA PRO C 251 14.02 -5.70 -26.44
C PRO C 251 13.07 -5.92 -27.63
N TRP D 1 -14.92 -3.40 20.22
CA TRP D 1 -15.13 -4.10 21.55
C TRP D 1 -13.95 -3.89 22.51
N ARG D 2 -14.23 -4.01 23.80
CA ARG D 2 -13.29 -3.75 24.92
C ARG D 2 -13.45 -4.88 25.95
N TYR D 3 -12.41 -5.16 26.72
CA TYR D 3 -12.57 -5.70 28.09
C TYR D 3 -13.03 -4.49 28.92
N GLY D 4 -13.74 -4.70 30.03
CA GLY D 4 -14.15 -3.61 30.95
C GLY D 4 -15.61 -3.24 30.80
N GLY D 5 -16.09 -2.94 29.59
CA GLY D 5 -17.52 -2.66 29.37
C GLY D 5 -17.90 -2.51 27.90
N ASP D 6 -18.80 -1.57 27.63
CA ASP D 6 -19.62 -1.47 26.39
C ASP D 6 -18.70 -1.27 25.17
N PRO D 7 -19.15 -1.63 23.94
CA PRO D 7 -20.48 -2.20 23.71
C PRO D 7 -20.60 -3.68 24.11
N PRO D 8 -21.95 -4.24 24.88
CA PRO D 8 -22.12 -5.70 25.06
C PRO D 8 -21.67 -6.47 23.80
N TRP D 9 -20.86 -7.52 24.01
CA TRP D 9 -20.28 -8.40 22.96
C TRP D 9 -21.36 -8.98 22.04
N PRO D 10 -22.53 -9.45 22.57
CA PRO D 10 -23.62 -9.94 21.71
C PRO D 10 -24.09 -8.91 20.67
N ARG D 11 -23.99 -7.59 20.94
CA ARG D 11 -24.27 -6.52 19.95
C ARG D 11 -23.18 -6.55 18.87
N VAL D 12 -21.91 -6.78 19.25
CA VAL D 12 -20.75 -6.90 18.33
C VAL D 12 -20.90 -8.17 17.48
N SER D 13 -21.22 -9.30 18.10
CA SER D 13 -21.38 -10.61 17.42
C SER D 13 -22.41 -11.47 18.15
N PRO D 14 -23.52 -11.86 17.50
CA PRO D 14 -24.51 -12.76 18.10
C PRO D 14 -23.93 -14.04 18.74
N ALA D 15 -22.91 -14.63 18.14
CA ALA D 15 -22.24 -15.87 18.62
C ALA D 15 -21.71 -15.67 20.04
N CYS D 16 -21.46 -14.41 20.48
CA CYS D 16 -21.00 -14.14 21.86
C CYS D 16 -22.11 -14.50 22.86
N ALA D 17 -23.32 -14.74 22.36
CA ALA D 17 -24.49 -15.18 23.17
C ALA D 17 -24.82 -16.66 22.89
N GLY D 18 -23.91 -17.44 22.31
CA GLY D 18 -24.07 -18.87 22.04
C GLY D 18 -24.15 -19.69 23.32
N ARG D 19 -24.68 -20.90 23.24
CA ARG D 19 -24.88 -21.78 24.43
C ARG D 19 -23.53 -22.38 24.85
N PHE D 20 -22.61 -22.56 23.90
CA PHE D 20 -21.37 -23.39 24.08
C PHE D 20 -20.12 -22.51 23.95
N GLN D 21 -19.85 -21.69 24.96
CA GLN D 21 -18.78 -20.66 24.93
C GLN D 21 -17.59 -21.10 25.79
N SER D 22 -16.49 -20.38 25.63
CA SER D 22 -15.19 -20.52 26.34
C SER D 22 -14.83 -19.17 26.92
N PRO D 23 -14.02 -19.08 27.98
CA PRO D 23 -13.42 -20.25 28.65
C PRO D 23 -14.40 -20.87 29.66
N VAL D 24 -13.99 -21.94 30.31
CA VAL D 24 -14.83 -22.70 31.30
C VAL D 24 -14.00 -22.98 32.55
N ASP D 25 -14.69 -23.37 33.61
CA ASP D 25 -14.11 -23.95 34.84
C ASP D 25 -13.97 -25.44 34.60
N ILE D 26 -12.75 -25.93 34.76
CA ILE D 26 -12.36 -27.35 34.64
C ILE D 26 -12.43 -27.95 36.05
N ARG D 27 -13.21 -29.02 36.21
CA ARG D 27 -13.21 -29.81 37.49
C ARG D 27 -12.67 -31.18 37.14
N PRO D 28 -11.37 -31.44 37.36
CA PRO D 28 -10.74 -32.64 36.82
C PRO D 28 -11.45 -33.91 37.31
N GLN D 29 -11.90 -33.93 38.57
CA GLN D 29 -12.55 -35.16 39.14
C GLN D 29 -13.86 -35.40 38.37
N LEU D 30 -14.39 -34.41 37.63
CA LEU D 30 -15.61 -34.56 36.77
C LEU D 30 -15.28 -34.81 35.29
N ALA D 31 -14.04 -34.65 34.83
CA ALA D 31 -13.71 -34.86 33.41
C ALA D 31 -13.91 -36.34 33.10
N ALA D 32 -14.22 -36.69 31.86
CA ALA D 32 -14.32 -38.08 31.38
C ALA D 32 -12.96 -38.56 30.87
N PHE D 33 -12.41 -39.62 31.44
CA PHE D 33 -11.15 -40.24 30.96
C PHE D 33 -11.44 -40.87 29.61
N SER D 34 -10.71 -40.43 28.58
CA SER D 34 -10.90 -40.81 27.16
C SER D 34 -9.57 -41.34 26.62
N PRO D 35 -9.30 -42.66 26.78
CA PRO D 35 -8.07 -43.25 26.28
C PRO D 35 -7.81 -43.04 24.78
N ALA D 36 -8.77 -42.57 24.00
CA ALA D 36 -8.57 -42.24 22.56
C ALA D 36 -7.61 -41.05 22.42
N LEU D 37 -7.51 -40.20 23.45
CA LEU D 37 -6.76 -38.92 23.40
C LEU D 37 -5.25 -39.18 23.52
N ARG D 38 -4.55 -39.25 22.38
CA ARG D 38 -3.10 -39.58 22.30
C ARG D 38 -2.23 -38.33 22.51
N PRO D 39 -0.90 -38.45 22.71
CA PRO D 39 -0.07 -37.26 22.94
C PRO D 39 -0.09 -36.38 21.68
N LEU D 40 -0.12 -35.08 21.89
CA LEU D 40 -0.12 -34.06 20.80
C LEU D 40 1.21 -34.15 20.07
N GLU D 41 1.23 -33.92 18.76
CA GLU D 41 2.50 -33.88 18.01
C GLU D 41 2.59 -32.55 17.27
N LEU D 42 3.77 -31.93 17.35
CA LEU D 42 4.12 -30.62 16.77
C LEU D 42 5.26 -30.81 15.76
N LEU D 43 5.15 -30.30 14.54
CA LEU D 43 6.31 -30.22 13.60
C LEU D 43 6.56 -28.75 13.24
N GLY D 44 7.83 -28.36 13.14
CA GLY D 44 8.25 -27.06 12.59
C GLY D 44 8.20 -25.93 13.59
N PHE D 45 8.09 -26.21 14.89
CA PHE D 45 7.91 -25.17 15.92
C PHE D 45 9.26 -24.60 16.35
N GLN D 46 10.38 -25.25 15.98
CA GLN D 46 11.76 -24.79 16.29
C GLN D 46 12.24 -23.93 15.11
N LEU D 47 11.94 -22.63 15.19
CA LEU D 47 12.18 -21.66 14.10
C LEU D 47 13.62 -21.17 14.20
N PRO D 48 14.26 -20.90 13.05
CA PRO D 48 15.54 -20.20 13.06
C PRO D 48 15.29 -18.71 13.31
N PRO D 49 16.36 -17.94 13.59
CA PRO D 49 16.21 -16.53 13.88
C PRO D 49 15.58 -15.70 12.76
N LEU D 50 15.84 -16.04 11.50
CA LEU D 50 15.26 -15.37 10.31
C LEU D 50 14.43 -16.39 9.55
N PRO D 51 13.29 -15.99 8.99
CA PRO D 51 12.83 -14.60 9.03
C PRO D 51 12.30 -14.24 10.41
N GLU D 52 12.27 -12.94 10.72
CA GLU D 52 11.71 -12.44 12.00
C GLU D 52 10.18 -12.56 12.00
N LEU D 53 9.60 -12.55 13.19
CA LEU D 53 8.13 -12.66 13.45
C LEU D 53 7.62 -11.29 13.91
N ARG D 54 6.40 -10.93 13.54
CA ARG D 54 5.75 -9.68 14.01
C ARG D 54 5.12 -9.91 15.39
N LEU D 55 5.42 -9.03 16.33
CA LEU D 55 4.90 -9.03 17.72
C LEU D 55 4.15 -7.72 17.88
N ARG D 56 2.84 -7.78 18.10
CA ARG D 56 1.94 -6.61 18.03
C ARG D 56 1.16 -6.48 19.35
N ASN D 57 1.09 -5.26 19.87
CA ASN D 57 0.08 -4.87 20.89
C ASN D 57 -1.17 -4.42 20.13
N ASN D 58 -2.19 -5.26 20.08
CA ASN D 58 -3.43 -4.99 19.31
C ASN D 58 -4.43 -4.30 20.25
N GLY D 59 -4.03 -3.91 21.47
CA GLY D 59 -4.95 -3.28 22.42
C GLY D 59 -5.75 -4.29 23.24
N HIS D 60 -5.82 -5.57 22.84
CA HIS D 60 -6.56 -6.65 23.55
C HIS D 60 -5.57 -7.62 24.19
N SER D 61 -4.40 -7.79 23.57
CA SER D 61 -3.34 -8.73 24.01
C SER D 61 -2.02 -8.34 23.32
N VAL D 62 -0.97 -9.10 23.59
CA VAL D 62 0.23 -9.13 22.72
C VAL D 62 0.14 -10.43 21.92
N GLN D 63 0.21 -10.31 20.59
CA GLN D 63 0.07 -11.41 19.61
C GLN D 63 1.37 -11.57 18.83
N LEU D 64 1.90 -12.78 18.81
CA LEU D 64 3.02 -13.18 17.94
C LEU D 64 2.42 -13.92 16.74
N THR D 65 2.55 -13.35 15.55
CA THR D 65 2.05 -13.98 14.31
C THR D 65 3.08 -15.02 13.89
N LEU D 66 2.63 -16.24 13.62
CA LEU D 66 3.52 -17.36 13.27
C LEU D 66 3.57 -17.53 11.74
N PRO D 67 4.73 -18.00 11.21
CA PRO D 67 4.87 -18.24 9.78
C PRO D 67 4.19 -19.54 9.36
N PRO D 68 4.03 -19.80 8.04
CA PRO D 68 3.60 -21.10 7.56
C PRO D 68 4.59 -22.19 8.01
N GLY D 69 4.01 -23.55 8.01
CA GLY D 69 4.86 -24.72 8.28
C GLY D 69 4.90 -25.14 9.72
N LEU D 70 4.10 -24.57 10.62
CA LEU D 70 3.98 -25.07 12.00
C LEU D 70 2.77 -25.99 12.00
N GLU D 71 3.00 -27.28 12.15
CA GLU D 71 1.97 -28.34 12.02
C GLU D 71 1.72 -28.90 13.41
N MET D 72 0.44 -29.15 13.70
CA MET D 72 0.01 -29.72 14.99
C MET D 72 -1.07 -30.77 14.67
N ALA D 73 -0.95 -31.93 15.31
CA ALA D 73 -1.99 -32.99 15.23
C ALA D 73 -2.53 -33.28 16.63
N LEU D 74 -3.87 -33.27 16.73
CA LEU D 74 -4.59 -33.64 17.98
C LEU D 74 -4.64 -35.17 18.06
N GLY D 75 -4.38 -35.82 16.93
CA GLY D 75 -4.48 -37.26 16.73
C GLY D 75 -4.31 -37.53 15.26
N PRO D 76 -4.35 -38.97 14.91
CA PRO D 76 -4.27 -39.31 13.50
C PRO D 76 -5.45 -38.69 12.72
N GLY D 77 -5.16 -37.99 11.62
CA GLY D 77 -6.20 -37.38 10.75
C GLY D 77 -6.79 -36.09 11.33
N ARG D 78 -6.26 -35.56 12.42
CA ARG D 78 -6.76 -34.33 13.07
C ARG D 78 -5.64 -33.26 13.01
N GLU D 79 -5.44 -32.70 11.82
CA GLU D 79 -4.23 -31.92 11.45
C GLU D 79 -4.57 -30.42 11.36
N TYR D 80 -3.68 -29.60 11.92
CA TYR D 80 -3.85 -28.14 12.07
C TYR D 80 -2.54 -27.44 11.69
N ARG D 81 -2.64 -26.14 11.39
CA ARG D 81 -1.48 -25.22 11.19
C ARG D 81 -1.58 -24.12 12.24
N ALA D 82 -0.49 -23.84 12.92
CA ALA D 82 -0.39 -22.72 13.86
C ALA D 82 -0.51 -21.38 13.11
N LEU D 83 -1.32 -20.46 13.63
CA LEU D 83 -1.52 -19.10 13.05
C LEU D 83 -0.75 -18.03 13.85
N GLN D 84 -0.83 -18.10 15.17
CA GLN D 84 -0.52 -16.98 16.09
C GLN D 84 -0.56 -17.51 17.52
N LEU D 85 0.11 -16.82 18.42
CA LEU D 85 -0.09 -17.04 19.87
C LEU D 85 -0.28 -15.66 20.50
N HIS D 86 -1.00 -15.64 21.62
CA HIS D 86 -1.25 -14.42 22.43
C HIS D 86 -1.41 -14.84 23.89
N LEU D 87 -1.56 -13.85 24.76
CA LEU D 87 -1.56 -14.09 26.22
C LEU D 87 -2.77 -13.40 26.84
N HIS D 88 -3.23 -13.98 27.95
CA HIS D 88 -4.25 -13.36 28.85
C HIS D 88 -3.62 -13.23 30.24
N TRP D 89 -3.77 -12.08 30.88
CA TRP D 89 -3.12 -11.84 32.20
C TRP D 89 -3.98 -10.93 33.09
N GLY D 90 -3.54 -10.72 34.33
CA GLY D 90 -4.29 -9.89 35.27
C GLY D 90 -3.65 -8.54 35.49
N ALA D 91 -3.37 -8.24 36.76
CA ALA D 91 -2.80 -6.97 37.28
C ALA D 91 -2.21 -7.28 38.66
N ALA D 92 -1.35 -6.41 39.21
CA ALA D 92 -0.67 -6.60 40.51
C ALA D 92 -1.63 -7.24 41.54
N GLY D 93 -1.28 -8.42 42.03
CA GLY D 93 -2.08 -9.17 43.01
C GLY D 93 -3.46 -9.55 42.49
N ARG D 94 -3.59 -9.84 41.19
CA ARG D 94 -4.85 -10.25 40.52
C ARG D 94 -4.50 -11.20 39.38
N PRO D 95 -4.84 -12.50 39.46
CA PRO D 95 -4.53 -13.47 38.41
C PRO D 95 -5.46 -13.22 37.22
N GLY D 96 -5.10 -13.72 36.03
CA GLY D 96 -5.83 -13.36 34.80
C GLY D 96 -5.90 -14.46 33.75
N SER D 97 -5.70 -15.74 34.11
CA SER D 97 -5.95 -16.89 33.21
C SER D 97 -7.43 -16.86 32.81
N GLU D 98 -7.77 -17.48 31.67
CA GLU D 98 -9.15 -17.48 31.14
C GLU D 98 -9.87 -18.70 31.71
N HIS D 99 -9.23 -19.85 31.59
CA HIS D 99 -9.72 -21.10 32.23
C HIS D 99 -9.39 -21.02 33.72
N THR D 100 -10.21 -21.68 34.52
CA THR D 100 -10.01 -21.86 35.98
C THR D 100 -10.01 -23.36 36.22
N VAL D 101 -9.38 -23.82 37.31
CA VAL D 101 -9.39 -25.26 37.72
C VAL D 101 -9.96 -25.33 39.14
N GLU D 102 -11.14 -25.94 39.31
CA GLU D 102 -11.88 -25.96 40.61
C GLU D 102 -11.99 -24.51 41.10
N GLY D 103 -12.28 -23.58 40.20
CA GLY D 103 -12.47 -22.16 40.55
C GLY D 103 -11.16 -21.42 40.73
N HIS D 104 -10.00 -22.09 40.71
CA HIS D 104 -8.68 -21.41 40.85
C HIS D 104 -8.30 -20.71 39.53
N ARG D 105 -8.10 -19.38 39.54
CA ARG D 105 -7.61 -18.59 38.38
C ARG D 105 -6.08 -18.48 38.49
N PHE D 106 -5.35 -18.88 37.45
CA PHE D 106 -3.87 -18.84 37.41
C PHE D 106 -3.42 -17.43 37.04
N PRO D 107 -2.15 -17.07 37.35
CA PRO D 107 -1.65 -15.72 37.03
C PRO D 107 -1.88 -15.28 35.56
N ALA D 108 -1.60 -16.16 34.60
CA ALA D 108 -1.82 -15.86 33.16
C ALA D 108 -1.99 -17.15 32.34
N GLU D 109 -2.28 -17.00 31.04
CA GLU D 109 -2.54 -18.12 30.10
C GLU D 109 -2.02 -17.77 28.70
N ILE D 110 -1.42 -18.75 28.04
CA ILE D 110 -1.01 -18.64 26.61
C ILE D 110 -2.00 -19.41 25.77
N HIS D 111 -2.41 -18.83 24.65
CA HIS D 111 -3.17 -19.53 23.59
C HIS D 111 -2.34 -19.58 22.29
N VAL D 112 -2.19 -20.76 21.72
CA VAL D 112 -1.66 -20.95 20.33
C VAL D 112 -2.83 -21.36 19.45
N VAL D 113 -3.23 -20.48 18.55
CA VAL D 113 -4.41 -20.65 17.67
C VAL D 113 -3.99 -21.36 16.40
N HIS D 114 -4.74 -22.40 16.04
CA HIS D 114 -4.49 -23.29 14.88
C HIS D 114 -5.72 -23.34 13.99
N LEU D 115 -5.48 -23.49 12.70
CA LEU D 115 -6.51 -23.65 11.66
C LEU D 115 -6.44 -25.05 11.09
N SER D 116 -7.57 -25.74 11.00
CA SER D 116 -7.65 -27.08 10.38
C SER D 116 -7.07 -26.99 8.96
N THR D 117 -6.27 -27.97 8.53
CA THR D 117 -5.66 -28.05 7.17
C THR D 117 -6.79 -28.18 6.17
N ALA D 118 -8.21 -28.48 6.55
CA ALA D 118 -9.27 -28.53 5.53
C ALA D 118 -9.71 -27.12 5.11
N PHE D 119 -9.30 -26.05 5.81
CA PHE D 119 -9.72 -24.66 5.52
C PHE D 119 -8.51 -23.80 5.13
N ALA D 120 -8.68 -22.97 4.11
CA ALA D 120 -7.67 -22.00 3.61
C ALA D 120 -7.60 -20.79 4.57
N ARG D 121 -8.69 -20.40 5.25
CA ARG D 121 -8.71 -19.16 6.06
C ARG D 121 -9.56 -19.29 7.33
N VAL D 122 -9.28 -18.42 8.28
CA VAL D 122 -9.99 -18.41 9.58
C VAL D 122 -11.47 -18.12 9.34
N ASP D 123 -11.81 -17.19 8.45
CA ASP D 123 -13.22 -16.75 8.26
C ASP D 123 -14.05 -17.91 7.68
N GLU D 124 -13.46 -18.84 6.94
CA GLU D 124 -14.18 -20.03 6.41
C GLU D 124 -14.34 -21.09 7.51
N ALA D 125 -13.47 -21.09 8.51
CA ALA D 125 -13.47 -22.12 9.56
C ALA D 125 -14.38 -21.71 10.74
N LEU D 126 -14.66 -20.41 10.90
CA LEU D 126 -15.40 -19.87 12.06
C LEU D 126 -16.76 -20.57 12.13
N GLY D 127 -17.10 -21.14 13.27
CA GLY D 127 -18.42 -21.76 13.50
C GLY D 127 -18.48 -23.18 12.95
N ARG D 128 -17.42 -23.67 12.30
CA ARG D 128 -17.42 -25.04 11.74
C ARG D 128 -16.80 -26.02 12.72
N PRO D 129 -17.31 -27.27 12.82
CA PRO D 129 -16.85 -28.23 13.83
C PRO D 129 -15.36 -28.57 13.66
N GLY D 130 -14.54 -28.25 14.66
CA GLY D 130 -13.08 -28.51 14.63
C GLY D 130 -12.33 -27.63 13.63
N GLY D 131 -12.93 -26.54 13.20
CA GLY D 131 -12.30 -25.63 12.22
C GLY D 131 -11.06 -24.99 12.80
N LEU D 132 -11.11 -24.65 14.09
CA LEU D 132 -10.02 -24.04 14.88
C LEU D 132 -9.73 -24.94 16.07
N ALA D 133 -8.45 -25.03 16.42
CA ALA D 133 -7.96 -25.70 17.63
C ALA D 133 -7.05 -24.74 18.39
N VAL D 134 -7.25 -24.63 19.69
CA VAL D 134 -6.36 -23.80 20.54
C VAL D 134 -5.60 -24.70 21.52
N LEU D 135 -4.29 -24.55 21.62
CA LEU D 135 -3.48 -25.16 22.72
C LEU D 135 -3.31 -24.09 23.79
N ALA D 136 -3.70 -24.40 25.03
CA ALA D 136 -3.75 -23.42 26.14
C ALA D 136 -2.94 -23.98 27.31
N ALA D 137 -2.11 -23.13 27.89
CA ALA D 137 -1.31 -23.51 29.08
C ALA D 137 -1.39 -22.38 30.10
N PHE D 138 -1.49 -22.75 31.36
CA PHE D 138 -1.40 -21.81 32.49
C PHE D 138 0.07 -21.41 32.69
N LEU D 139 0.26 -20.14 33.00
CA LEU D 139 1.55 -19.57 33.44
C LEU D 139 1.44 -19.35 34.95
N GLU D 140 2.40 -19.88 35.71
CA GLU D 140 2.45 -19.74 37.18
C GLU D 140 3.76 -19.07 37.58
N GLU D 141 3.78 -18.50 38.79
CA GLU D 141 4.99 -17.89 39.38
C GLU D 141 5.92 -19.02 39.86
N GLY D 142 7.17 -18.98 39.42
CA GLY D 142 8.23 -19.92 39.82
C GLY D 142 9.46 -19.16 40.32
N PRO D 143 10.45 -19.87 40.90
CA PRO D 143 11.68 -19.23 41.37
C PRO D 143 12.59 -18.73 40.23
N GLU D 144 12.58 -19.40 39.07
CA GLU D 144 13.53 -19.18 37.95
C GLU D 144 12.92 -18.29 36.87
N GLU D 145 13.72 -17.37 36.31
CA GLU D 145 13.46 -16.69 35.02
C GLU D 145 13.23 -17.75 33.94
N ASN D 146 12.17 -17.61 33.13
CA ASN D 146 11.91 -18.48 31.95
C ASN D 146 12.62 -17.86 30.74
N SER D 147 13.67 -18.51 30.24
CA SER D 147 14.54 -17.95 29.18
C SER D 147 13.77 -17.88 27.84
N ALA D 148 12.90 -18.85 27.55
CA ALA D 148 11.98 -18.83 26.39
C ALA D 148 11.12 -17.56 26.39
N TYR D 149 10.37 -17.30 27.47
CA TYR D 149 9.40 -16.17 27.56
C TYR D 149 10.16 -14.83 27.58
N GLU D 150 11.40 -14.84 28.10
CA GLU D 150 12.24 -13.62 28.19
C GLU D 150 12.47 -13.05 26.78
N GLN D 151 12.67 -13.92 25.80
CA GLN D 151 12.79 -13.54 24.36
C GLN D 151 11.63 -12.62 23.94
N LEU D 152 10.41 -12.85 24.45
CA LEU D 152 9.24 -11.98 24.09
C LEU D 152 9.06 -10.87 25.13
N LEU D 153 9.15 -11.19 26.41
CA LEU D 153 8.87 -10.19 27.49
C LEU D 153 9.91 -9.04 27.42
N SER D 154 11.16 -9.31 27.00
CA SER D 154 12.21 -8.26 26.83
C SER D 154 11.87 -7.29 25.70
N ARG D 155 10.83 -7.59 24.88
CA ARG D 155 10.44 -6.75 23.72
C ARG D 155 9.16 -5.95 24.01
N LEU D 156 8.50 -6.17 25.14
CA LEU D 156 7.18 -5.55 25.38
C LEU D 156 7.31 -4.03 25.44
N GLU D 157 8.42 -3.53 25.97
CA GLU D 157 8.62 -2.06 26.11
C GLU D 157 8.49 -1.38 24.75
N GLU D 158 9.03 -1.97 23.67
CA GLU D 158 9.00 -1.39 22.29
C GLU D 158 7.54 -1.24 21.81
N ILE D 159 6.63 -2.08 22.29
CA ILE D 159 5.23 -2.08 21.79
C ILE D 159 4.28 -1.68 22.92
N ALA D 160 4.73 -0.81 23.83
CA ALA D 160 3.92 -0.28 24.96
C ALA D 160 2.66 0.38 24.41
N GLU D 161 2.77 1.11 23.29
CA GLU D 161 1.65 1.88 22.70
C GLU D 161 0.62 0.93 22.07
N GLU D 162 -0.67 1.14 22.35
CA GLU D 162 -1.75 0.41 21.66
C GLU D 162 -1.53 0.50 20.15
N GLY D 163 -1.62 -0.61 19.41
CA GLY D 163 -1.56 -0.62 17.93
C GLY D 163 -0.12 -0.60 17.41
N SER D 164 0.84 -0.80 18.32
CA SER D 164 2.32 -0.83 18.10
C SER D 164 2.71 -2.22 17.65
N GLU D 165 3.79 -2.34 16.89
CA GLU D 165 4.39 -3.67 16.57
C GLU D 165 5.89 -3.52 16.37
N THR D 166 6.56 -4.64 16.53
CA THR D 166 8.01 -4.75 16.33
C THR D 166 8.26 -6.12 15.70
N GLN D 167 9.45 -6.32 15.16
CA GLN D 167 9.88 -7.60 14.57
C GLN D 167 10.82 -8.22 15.62
N VAL D 168 10.68 -9.52 15.90
CA VAL D 168 11.52 -10.26 16.87
C VAL D 168 12.07 -11.49 16.14
N PRO D 169 13.23 -12.02 16.57
CA PRO D 169 13.79 -13.22 15.98
C PRO D 169 12.90 -14.44 16.21
N GLY D 170 12.84 -15.33 15.22
CA GLY D 170 12.36 -16.71 15.40
C GLY D 170 12.93 -17.31 16.67
N LEU D 171 12.16 -18.19 17.30
CA LEU D 171 12.51 -18.90 18.54
C LEU D 171 11.78 -20.24 18.53
N ASP D 172 12.13 -21.10 19.48
CA ASP D 172 11.46 -22.42 19.64
C ASP D 172 10.07 -22.14 20.24
N ILE D 173 9.02 -22.12 19.42
CA ILE D 173 7.64 -21.81 19.90
C ILE D 173 7.20 -22.90 20.90
N SER D 174 7.63 -24.15 20.72
CA SER D 174 7.23 -25.25 21.63
C SER D 174 7.85 -25.03 23.01
N ALA D 175 8.92 -24.24 23.14
CA ALA D 175 9.55 -23.98 24.46
C ALA D 175 8.71 -22.97 25.28
N LEU D 176 7.63 -22.42 24.70
CA LEU D 176 6.65 -21.57 25.44
C LEU D 176 5.52 -22.41 26.01
N LEU D 177 5.47 -23.71 25.70
CA LEU D 177 4.45 -24.67 26.19
C LEU D 177 5.09 -25.66 27.15
N PRO D 178 4.28 -26.41 27.94
CA PRO D 178 4.80 -27.43 28.85
C PRO D 178 5.44 -28.59 28.08
N SER D 179 6.33 -29.37 28.71
CA SER D 179 7.09 -30.47 28.06
C SER D 179 6.21 -31.72 27.94
N ASP D 180 5.17 -31.82 28.76
CA ASP D 180 4.25 -32.98 28.75
C ASP D 180 3.04 -32.68 27.85
N PHE D 181 3.01 -33.32 26.69
CA PHE D 181 1.99 -33.19 25.61
C PHE D 181 1.03 -34.38 25.68
N SER D 182 1.15 -35.21 26.72
CA SER D 182 0.37 -36.45 26.90
C SER D 182 -0.79 -36.22 27.89
N ARG D 183 -0.68 -35.23 28.79
CA ARG D 183 -1.64 -35.04 29.90
C ARG D 183 -2.39 -33.73 29.70
N TYR D 184 -3.67 -33.81 29.34
CA TYR D 184 -4.46 -32.60 29.00
C TYR D 184 -5.97 -32.84 29.11
N PHE D 185 -6.67 -31.72 29.23
CA PHE D 185 -8.13 -31.65 29.13
C PHE D 185 -8.44 -31.22 27.69
N GLN D 186 -9.56 -31.73 27.14
CA GLN D 186 -10.06 -31.35 25.80
C GLN D 186 -11.57 -31.14 25.84
N TYR D 187 -12.04 -30.07 25.24
CA TYR D 187 -13.49 -29.82 25.10
C TYR D 187 -13.74 -28.92 23.91
N GLU D 188 -15.00 -28.93 23.47
CA GLU D 188 -15.49 -28.11 22.35
C GLU D 188 -16.07 -26.81 22.91
N GLY D 189 -15.62 -25.67 22.38
CA GLY D 189 -16.09 -24.34 22.79
C GLY D 189 -15.99 -23.31 21.69
N SER D 190 -15.56 -22.11 22.04
CA SER D 190 -15.68 -20.93 21.16
C SER D 190 -14.39 -20.12 21.22
N LEU D 191 -14.31 -19.12 20.37
CA LEU D 191 -13.38 -17.99 20.62
C LEU D 191 -13.76 -17.35 21.95
N THR D 192 -12.77 -16.93 22.74
CA THR D 192 -13.02 -16.15 23.99
C THR D 192 -13.09 -14.64 23.72
N THR D 193 -12.98 -14.22 22.46
CA THR D 193 -13.11 -12.80 22.05
C THR D 193 -14.09 -12.75 20.91
N PRO D 194 -14.76 -11.61 20.67
CA PRO D 194 -15.61 -11.48 19.50
C PRO D 194 -14.77 -11.92 18.32
N PRO D 195 -15.37 -12.60 17.31
CA PRO D 195 -16.81 -12.87 17.27
C PRO D 195 -17.35 -14.12 18.01
N CYS D 196 -16.57 -14.73 18.90
CA CYS D 196 -16.98 -15.82 19.84
C CYS D 196 -17.60 -17.02 19.11
N ALA D 197 -17.21 -17.28 17.87
CA ALA D 197 -17.71 -18.38 17.04
C ALA D 197 -17.40 -19.73 17.73
N GLN D 198 -18.37 -20.65 17.67
CA GLN D 198 -18.27 -22.00 18.28
C GLN D 198 -17.54 -22.94 17.31
N GLY D 199 -17.32 -24.20 17.75
CA GLY D 199 -16.69 -25.27 16.95
C GLY D 199 -15.18 -25.28 17.19
N VAL D 200 -14.69 -24.58 18.20
CA VAL D 200 -13.24 -24.58 18.56
C VAL D 200 -12.95 -25.77 19.45
N ILE D 201 -11.92 -26.56 19.11
CA ILE D 201 -11.39 -27.62 20.00
C ILE D 201 -10.32 -26.99 20.88
N TRP D 202 -10.61 -26.97 22.18
CA TRP D 202 -9.75 -26.47 23.27
C TRP D 202 -8.98 -27.64 23.88
N THR D 203 -7.65 -27.55 23.92
CA THR D 203 -6.76 -28.49 24.61
C THR D 203 -6.06 -27.69 25.70
N VAL D 204 -6.33 -28.03 26.97
CA VAL D 204 -5.70 -27.35 28.14
C VAL D 204 -4.75 -28.36 28.80
N PHE D 205 -3.46 -28.02 28.83
CA PHE D 205 -2.40 -28.87 29.42
C PHE D 205 -2.60 -28.99 30.93
N ASN D 206 -2.39 -30.21 31.45
CA ASN D 206 -2.29 -30.52 32.91
C ASN D 206 -1.09 -29.72 33.46
N GLN D 207 0.09 -29.91 32.90
CA GLN D 207 1.34 -29.23 33.37
C GLN D 207 1.26 -27.71 33.07
N THR D 208 1.71 -26.87 34.01
CA THR D 208 1.82 -25.40 33.86
C THR D 208 3.24 -25.05 33.45
N VAL D 209 3.45 -23.80 33.04
CA VAL D 209 4.81 -23.25 32.75
C VAL D 209 5.07 -22.14 33.77
N MET D 210 6.31 -22.11 34.26
CA MET D 210 6.76 -21.20 35.34
C MET D 210 7.42 -19.96 34.72
N LEU D 211 6.91 -18.79 35.07
CA LEU D 211 7.59 -17.49 34.86
C LEU D 211 8.00 -16.98 36.24
N SER D 212 9.00 -16.10 36.28
CA SER D 212 9.43 -15.42 37.52
C SER D 212 8.43 -14.32 37.84
N ALA D 213 8.39 -13.88 39.09
CA ALA D 213 7.44 -12.85 39.58
C ALA D 213 7.60 -11.57 38.75
N LYS D 214 8.85 -11.24 38.40
CA LYS D 214 9.22 -10.02 37.63
C LYS D 214 8.78 -10.15 36.17
N GLN D 215 8.94 -11.34 35.58
CA GLN D 215 8.44 -11.69 34.22
C GLN D 215 6.92 -11.45 34.20
N LEU D 216 6.19 -11.93 35.21
CA LEU D 216 4.72 -11.78 35.26
C LEU D 216 4.35 -10.31 35.47
N HIS D 217 5.15 -9.54 36.22
CA HIS D 217 4.88 -8.08 36.41
C HIS D 217 5.13 -7.36 35.08
N THR D 218 6.19 -7.74 34.35
CA THR D 218 6.49 -7.19 33.00
C THR D 218 5.28 -7.39 32.06
N LEU D 219 4.75 -8.61 32.03
CA LEU D 219 3.60 -8.99 31.16
C LEU D 219 2.41 -8.09 31.48
N SER D 220 2.08 -7.94 32.77
CA SER D 220 0.86 -7.23 33.24
C SER D 220 1.09 -5.72 33.30
N ASP D 221 2.32 -5.23 33.34
CA ASP D 221 2.59 -3.81 33.69
C ASP D 221 3.18 -2.98 32.54
N THR D 222 3.43 -3.54 31.36
CA THR D 222 4.13 -2.80 30.26
C THR D 222 3.17 -2.23 29.22
N LEU D 223 2.13 -2.96 28.82
CA LEU D 223 1.37 -2.56 27.61
C LEU D 223 0.22 -1.65 27.97
N TRP D 224 -0.12 -0.77 27.04
CA TRP D 224 -1.28 0.14 27.14
C TRP D 224 -2.33 -0.31 26.14
N GLY D 225 -3.59 -0.06 26.48
CA GLY D 225 -4.79 -0.54 25.78
C GLY D 225 -5.61 0.63 25.30
N PRO D 226 -6.90 0.42 24.97
CA PRO D 226 -7.76 1.48 24.46
C PRO D 226 -8.08 2.52 25.54
N GLY D 227 -8.69 3.64 25.13
CA GLY D 227 -8.72 4.86 25.95
C GLY D 227 -7.29 5.22 26.31
N ASP D 228 -7.00 5.40 27.59
CA ASP D 228 -5.66 5.75 28.12
C ASP D 228 -5.33 4.79 29.27
N SER D 229 -5.82 3.55 29.20
CA SER D 229 -5.78 2.60 30.34
C SER D 229 -4.71 1.54 30.09
N ARG D 230 -4.19 0.94 31.16
CA ARG D 230 -3.22 -0.18 31.07
C ARG D 230 -3.91 -1.40 30.43
N LEU D 231 -3.19 -2.16 29.63
CA LEU D 231 -3.69 -3.46 29.10
C LEU D 231 -3.55 -4.50 30.21
N GLN D 232 -4.63 -4.74 30.96
CA GLN D 232 -4.63 -5.68 32.10
C GLN D 232 -6.00 -6.31 32.22
N LEU D 233 -6.10 -7.42 32.96
CA LEU D 233 -7.38 -8.13 33.23
C LEU D 233 -8.06 -8.39 31.87
N ASN D 234 -7.29 -8.86 30.89
CA ASN D 234 -7.74 -9.06 29.49
C ASN D 234 -8.17 -10.52 29.39
N PHE D 235 -9.16 -10.91 30.21
CA PHE D 235 -9.71 -12.29 30.26
C PHE D 235 -11.24 -12.19 30.32
N ARG D 236 -11.91 -13.20 29.78
CA ARG D 236 -13.38 -13.29 29.76
C ARG D 236 -13.84 -14.09 30.98
N ALA D 237 -15.02 -13.75 31.49
CA ALA D 237 -15.64 -14.48 32.63
C ALA D 237 -15.88 -15.92 32.19
N THR D 238 -15.70 -16.86 33.10
CA THR D 238 -15.95 -18.31 32.91
C THR D 238 -17.38 -18.50 32.38
N GLN D 239 -17.58 -19.37 31.42
CA GLN D 239 -18.89 -19.63 30.76
C GLN D 239 -19.34 -21.01 31.22
N PRO D 240 -20.66 -21.23 31.42
CA PRO D 240 -21.14 -22.55 31.83
C PRO D 240 -20.91 -23.62 30.75
N LEU D 241 -20.58 -24.84 31.17
CA LEU D 241 -20.47 -25.99 30.26
C LEU D 241 -21.81 -26.29 29.56
N ASN D 242 -22.94 -26.08 30.26
CA ASN D 242 -24.30 -26.24 29.67
C ASN D 242 -24.46 -27.64 29.07
N GLY D 243 -23.90 -28.65 29.72
CA GLY D 243 -24.05 -30.09 29.40
C GLY D 243 -22.88 -30.67 28.66
N ARG D 244 -21.92 -29.85 28.22
CA ARG D 244 -20.67 -30.36 27.60
C ARG D 244 -19.91 -31.14 28.66
N VAL D 245 -19.30 -32.23 28.23
CA VAL D 245 -18.35 -33.00 29.08
C VAL D 245 -16.94 -32.55 28.71
N ILE D 246 -16.09 -32.30 29.70
CA ILE D 246 -14.64 -32.11 29.48
C ILE D 246 -14.00 -33.49 29.49
N GLU D 247 -13.21 -33.81 28.48
CA GLU D 247 -12.43 -35.08 28.42
C GLU D 247 -11.06 -34.85 29.07
N ALA D 248 -10.45 -35.94 29.56
CA ALA D 248 -9.06 -35.96 30.06
C ALA D 248 -8.32 -37.08 29.33
N SER D 249 -7.06 -36.82 28.96
CA SER D 249 -6.15 -37.80 28.30
C SER D 249 -5.60 -38.80 29.33
N PHE D 250 -5.86 -38.57 30.61
CA PHE D 250 -5.25 -39.35 31.73
C PHE D 250 -6.36 -39.77 32.68
N PRO D 251 -6.25 -40.96 33.32
CA PRO D 251 -7.22 -41.40 34.33
C PRO D 251 -7.19 -40.50 35.58
#